data_7N18
#
_entry.id   7N18
#
_cell.length_a   72.990
_cell.length_b   67.292
_cell.length_c   97.487
_cell.angle_alpha   90.000
_cell.angle_beta   105.149
_cell.angle_gamma   90.000
#
_symmetry.space_group_name_H-M   'P 1 21 1'
#
loop_
_entity.id
_entity.type
_entity.pdbx_description
1 polymer 'Botulinum neurotoxin type A'
2 non-polymer 'ZINC ION'
3 non-polymer (3R)-3-(4-chlorophenyl)-N,5-dihydroxypentanamide
4 non-polymer (3S)-3-(4-chlorophenyl)-N,5-dihydroxypentanamide
5 water water
#
_entity_poly.entity_id   1
_entity_poly.type   'polypeptide(L)'
_entity_poly.pdbx_seq_one_letter_code
;MGSSHHHHHHSSGLVPRGSHMEFVNKQFNYKDPVNGVDIAYIKIPNVGQMQPVKAFKIHNKIWVIPERDTFTNPEEGDLN
PPPEAKQVPVSYYDSTYLSTDNEKDNYLKGVTKLFERIYSTDLGRMLLTSIVRGIPFWGGSTIDTELKVIDTNCINVIQP
DGSYRSEELNLVIIGPSADIIQFECKSFGHEVLNLTRNGYGSTQYIRFSPDFTFGFEESLEVDTNPLLGAGKFATDPAVT
LAHELIHAGHRLYGIAINPNRVFKVNTNAYYEMSGLEVSFEELRTFGGHDAKFIDSLQENEFRLYYYNKFKDIASTLNKA
KSIVGTTASLQYMKNVFKEKYLLSEDTSGKFSVDKLKFDKLYKMLTEIYTEDNFVKFFKVLNRKTYLNFDKAVFKINIVP
KVNYTIYDGFNLRNTNLAANFNGQNTEINNMNFTKLKNFTGLFEF
;
_entity_poly.pdbx_strand_id   A,B
#
loop_
_chem_comp.id
_chem_comp.type
_chem_comp.name
_chem_comp.formula
C7I non-polymer (3R)-3-(4-chlorophenyl)-N,5-dihydroxypentanamide 'C11 H14 Cl N O3'
C8I non-polymer (3S)-3-(4-chlorophenyl)-N,5-dihydroxypentanamide 'C11 H14 Cl N O3'
ZN non-polymer 'ZINC ION' 'Zn 2'
#
# COMPACT_ATOMS: atom_id res chain seq x y z
N SER A 11 -0.70 21.55 13.70
CA SER A 11 -0.67 20.61 12.55
C SER A 11 0.34 19.49 12.82
N SER A 12 -0.02 18.28 12.37
CA SER A 12 0.70 17.06 12.62
C SER A 12 1.65 16.65 11.50
N GLY A 13 1.55 17.28 10.32
CA GLY A 13 2.42 16.91 9.20
C GLY A 13 2.38 15.45 8.85
N LEU A 14 1.19 14.85 8.82
CA LEU A 14 1.03 13.45 8.45
C LEU A 14 1.17 13.19 6.96
N VAL A 15 1.16 14.22 6.11
CA VAL A 15 1.23 14.05 4.66
C VAL A 15 2.19 15.09 4.12
N PRO A 16 3.49 14.93 4.40
CA PRO A 16 4.48 15.89 3.88
C PRO A 16 4.54 15.94 2.36
N ARG A 17 4.12 14.87 1.66
CA ARG A 17 4.14 14.89 0.20
C ARG A 17 2.94 14.12 -0.31
N GLY A 18 2.33 14.63 -1.34
CA GLY A 18 1.13 14.03 -1.87
C GLY A 18 -0.11 14.55 -1.18
N SER A 19 -1.22 13.88 -1.47
CA SER A 19 -2.52 14.24 -0.94
C SER A 19 -2.91 13.44 0.29
N HIS A 20 -2.46 12.19 0.38
CA HIS A 20 -2.96 11.26 1.38
C HIS A 20 -1.81 10.41 1.91
N MET A 21 -2.01 9.91 3.13
CA MET A 21 -1.01 9.05 3.73
C MET A 21 -0.86 7.78 2.91
N GLU A 22 0.38 7.33 2.80
CA GLU A 22 0.72 6.23 1.87
C GLU A 22 0.51 4.86 2.48
N PHE A 23 0.57 4.72 3.79
CA PHE A 23 0.33 3.42 4.40
C PHE A 23 -0.92 3.43 5.27
N VAL A 24 -1.08 4.40 6.15
CA VAL A 24 -2.27 4.45 6.98
C VAL A 24 -3.44 4.92 6.14
N ASN A 25 -4.57 4.23 6.25
CA ASN A 25 -5.64 4.40 5.29
C ASN A 25 -6.57 5.56 5.58
N LYS A 26 -6.53 6.13 6.79
CA LYS A 26 -7.39 7.24 7.17
C LYS A 26 -6.69 8.14 8.16
N GLN A 27 -6.96 9.43 8.06
CA GLN A 27 -6.59 10.35 9.13
C GLN A 27 -7.68 10.27 10.18
N PHE A 28 -7.49 9.35 11.13
CA PHE A 28 -8.46 9.13 12.18
C PHE A 28 -8.37 10.17 13.29
N ASN A 29 -9.51 10.42 13.92
CA ASN A 29 -9.63 11.11 15.19
C ASN A 29 -10.22 10.11 16.16
N TYR A 30 -9.79 10.15 17.42
CA TYR A 30 -10.30 9.14 18.36
C TYR A 30 -11.81 9.23 18.48
N LYS A 31 -12.39 10.43 18.39
CA LYS A 31 -13.83 10.57 18.51
C LYS A 31 -14.55 10.33 17.20
N ASP A 32 -13.87 10.00 16.10
CA ASP A 32 -14.61 9.66 14.90
C ASP A 32 -15.67 8.59 15.24
N PRO A 33 -16.85 8.63 14.63
CA PRO A 33 -17.86 7.60 14.95
C PRO A 33 -17.44 6.20 14.53
N VAL A 34 -17.87 5.20 15.32
CA VAL A 34 -17.68 3.82 14.92
C VAL A 34 -18.51 3.55 13.67
N ASN A 35 -18.05 2.60 12.85
CA ASN A 35 -18.67 2.29 11.60
C ASN A 35 -18.61 0.80 11.21
N GLY A 36 -17.99 -0.07 12.03
CA GLY A 36 -17.98 -1.50 11.78
C GLY A 36 -16.96 -1.97 10.75
N VAL A 37 -16.19 -1.05 10.17
CA VAL A 37 -15.27 -1.40 9.10
C VAL A 37 -13.84 -1.05 9.52
N ASP A 38 -13.54 0.24 9.74
CA ASP A 38 -12.20 0.63 10.15
C ASP A 38 -12.16 1.45 11.43
N ILE A 39 -13.31 1.72 12.04
CA ILE A 39 -13.45 2.22 13.40
C ILE A 39 -14.53 1.36 14.04
N ALA A 40 -14.16 0.60 15.07
CA ALA A 40 -15.13 -0.34 15.62
C ALA A 40 -14.80 -0.68 17.06
N TYR A 41 -15.83 -1.04 17.81
CA TYR A 41 -15.66 -1.75 19.07
C TYR A 41 -15.30 -3.20 18.74
N ILE A 42 -14.23 -3.73 19.32
CA ILE A 42 -13.77 -5.08 19.03
C ILE A 42 -13.55 -5.82 20.33
N LYS A 43 -13.58 -7.15 20.23
CA LYS A 43 -13.22 -8.04 21.31
C LYS A 43 -12.07 -8.92 20.86
N ILE A 44 -11.11 -9.10 21.75
CA ILE A 44 -9.96 -9.99 21.58
C ILE A 44 -10.41 -11.38 22.02
N PRO A 45 -9.93 -12.46 21.39
CA PRO A 45 -10.40 -13.78 21.78
C PRO A 45 -9.87 -14.20 23.15
N MET A 50 -14.52 -9.81 28.63
CA MET A 50 -14.01 -8.46 28.40
C MET A 50 -15.05 -7.54 27.77
N GLN A 51 -15.02 -6.27 28.14
CA GLN A 51 -15.87 -5.28 27.49
C GLN A 51 -15.20 -4.81 26.19
N PRO A 52 -15.98 -4.57 25.12
CA PRO A 52 -15.34 -4.18 23.86
C PRO A 52 -14.52 -2.92 24.02
N VAL A 53 -13.49 -2.79 23.18
CA VAL A 53 -12.68 -1.58 23.17
C VAL A 53 -12.80 -0.95 21.79
N LYS A 54 -12.70 0.39 21.75
CA LYS A 54 -12.74 1.11 20.49
C LYS A 54 -11.38 0.98 19.80
N ALA A 55 -11.39 0.57 18.53
CA ALA A 55 -10.16 0.32 17.79
C ALA A 55 -10.27 0.85 16.36
N PHE A 56 -9.11 0.98 15.72
CA PHE A 56 -8.93 1.69 14.46
C PHE A 56 -8.12 0.80 13.52
N LYS A 57 -8.66 0.53 12.34
CA LYS A 57 -7.96 -0.32 11.38
C LYS A 57 -7.13 0.60 10.49
N ILE A 58 -5.81 0.65 10.74
CA ILE A 58 -4.99 1.58 10.00
C ILE A 58 -4.60 1.06 8.63
N HIS A 59 -4.71 -0.25 8.40
CA HIS A 59 -4.26 -0.89 7.16
C HIS A 59 -4.85 -2.29 7.12
N ASN A 60 -4.94 -2.87 5.94
CA ASN A 60 -5.29 -4.29 5.81
C ASN A 60 -4.43 -5.08 6.80
N LYS A 61 -5.08 -5.84 7.67
CA LYS A 61 -4.47 -6.76 8.63
C LYS A 61 -3.86 -6.10 9.85
N ILE A 62 -4.03 -4.79 10.05
CA ILE A 62 -3.39 -4.08 11.14
C ILE A 62 -4.37 -3.16 11.84
N TRP A 63 -4.54 -3.38 13.15
CA TRP A 63 -5.40 -2.57 14.00
C TRP A 63 -4.60 -1.91 15.12
N VAL A 64 -5.12 -0.76 15.57
CA VAL A 64 -4.55 -0.01 16.67
C VAL A 64 -5.63 0.14 17.77
N ILE A 65 -5.30 -0.30 18.98
CA ILE A 65 -6.16 -0.18 20.14
C ILE A 65 -5.50 0.85 21.05
N PRO A 66 -5.94 2.08 21.05
CA PRO A 66 -5.31 3.10 21.90
C PRO A 66 -5.74 2.97 23.37
N GLU A 67 -5.40 1.85 23.98
CA GLU A 67 -5.74 1.63 25.39
C GLU A 67 -4.53 1.02 26.05
N ARG A 68 -4.41 1.21 27.37
CA ARG A 68 -3.47 0.38 28.13
C ARG A 68 -3.85 -1.09 27.99
N ASP A 69 -2.86 -1.97 27.90
CA ASP A 69 -3.15 -3.38 27.67
C ASP A 69 -3.45 -4.08 28.99
N THR A 70 -4.74 -4.19 29.31
CA THR A 70 -5.20 -5.00 30.43
C THR A 70 -5.95 -6.23 29.97
N PHE A 71 -5.72 -6.65 28.72
CA PHE A 71 -6.52 -7.67 28.05
C PHE A 71 -5.73 -8.91 27.67
N THR A 72 -4.59 -8.74 27.01
CA THR A 72 -3.91 -9.90 26.47
C THR A 72 -3.53 -10.89 27.57
N ASN A 73 -3.00 -10.39 28.70
CA ASN A 73 -2.53 -11.28 29.77
C ASN A 73 -3.45 -11.19 30.98
N PRO A 74 -4.12 -12.28 31.38
CA PRO A 74 -5.09 -12.16 32.49
C PRO A 74 -4.45 -11.80 33.82
N GLU A 75 -3.23 -12.26 34.09
CA GLU A 75 -2.56 -11.90 35.33
C GLU A 75 -2.08 -10.47 35.35
N GLU A 76 -2.13 -9.78 34.21
CA GLU A 76 -1.75 -8.37 34.11
C GLU A 76 -2.97 -7.53 33.76
N GLY A 77 -4.07 -7.74 34.50
CA GLY A 77 -5.31 -7.04 34.27
C GLY A 77 -5.46 -5.73 35.02
N ASP A 78 -4.39 -5.27 35.67
CA ASP A 78 -4.40 -4.07 36.49
C ASP A 78 -3.12 -3.29 36.25
N LEU A 79 -3.21 -1.97 36.35
CA LEU A 79 -2.06 -1.12 36.05
C LEU A 79 -1.25 -0.79 37.28
N ASN A 80 -1.49 -1.52 38.37
CA ASN A 80 -0.85 -1.23 39.63
C ASN A 80 0.64 -1.60 39.57
N PRO A 81 1.51 -0.70 40.05
CA PRO A 81 2.93 -1.10 40.13
C PRO A 81 3.12 -2.18 41.20
N PRO A 82 4.12 -3.03 40.98
CA PRO A 82 4.39 -4.10 41.98
C PRO A 82 5.21 -3.60 43.16
N VAL A 90 14.95 -0.72 35.39
CA VAL A 90 14.50 0.01 34.20
C VAL A 90 13.03 -0.23 33.95
N SER A 91 12.19 0.54 34.62
CA SER A 91 10.74 0.46 34.48
C SER A 91 10.16 1.82 34.80
N TYR A 92 8.91 2.03 34.41
CA TYR A 92 8.26 3.27 34.75
C TYR A 92 6.76 3.05 34.80
N TYR A 93 6.13 3.52 35.87
CA TYR A 93 4.73 3.31 36.14
C TYR A 93 3.98 4.62 36.29
N ASP A 94 2.74 4.62 35.80
CA ASP A 94 1.83 5.75 35.84
C ASP A 94 0.45 5.26 35.41
N SER A 95 -0.39 4.89 36.40
CA SER A 95 -1.68 4.25 36.11
C SER A 95 -2.67 5.16 35.41
N THR A 96 -2.44 6.48 35.42
CA THR A 96 -3.33 7.42 34.75
C THR A 96 -3.00 7.61 33.27
N TYR A 97 -1.83 7.16 32.80
CA TYR A 97 -1.45 7.44 31.42
C TYR A 97 -2.40 6.72 30.46
N LEU A 98 -2.88 7.46 29.46
CA LEU A 98 -3.72 6.94 28.40
C LEU A 98 -5.14 6.64 28.89
N SER A 99 -5.61 7.36 29.91
CA SER A 99 -6.96 7.11 30.40
C SER A 99 -7.99 8.08 29.81
N THR A 100 -7.57 9.18 29.18
CA THR A 100 -8.48 10.19 28.69
C THR A 100 -8.51 10.16 27.16
N ASP A 101 -9.58 10.72 26.62
CA ASP A 101 -9.76 10.71 25.18
C ASP A 101 -8.71 11.56 24.47
N ASN A 102 -8.33 12.72 25.02
CA ASN A 102 -7.26 13.46 24.35
C ASN A 102 -6.00 12.60 24.21
N GLU A 103 -5.66 11.83 25.24
CA GLU A 103 -4.46 11.01 25.17
C GLU A 103 -4.59 9.91 24.13
N LYS A 104 -5.77 9.27 24.07
CA LYS A 104 -5.98 8.21 23.10
C LYS A 104 -5.93 8.74 21.68
N ASP A 105 -6.45 9.95 21.48
CA ASP A 105 -6.32 10.60 20.18
C ASP A 105 -4.85 10.86 19.86
N ASN A 106 -4.09 11.37 20.83
CA ASN A 106 -2.68 11.64 20.58
C ASN A 106 -1.88 10.37 20.33
N TYR A 107 -2.25 9.31 21.05
CA TYR A 107 -1.63 8.01 20.83
C TYR A 107 -1.86 7.54 19.41
N LEU A 108 -3.11 7.60 18.96
CA LEU A 108 -3.46 7.13 17.64
C LEU A 108 -2.70 7.91 16.57
N LYS A 109 -2.67 9.22 16.71
CA LYS A 109 -1.97 10.06 15.74
C LYS A 109 -0.48 9.83 15.78
N GLY A 110 0.09 9.60 16.98
CA GLY A 110 1.52 9.33 17.06
C GLY A 110 1.92 8.00 16.45
N VAL A 111 1.17 6.94 16.71
CA VAL A 111 1.40 5.66 16.05
C VAL A 111 1.21 5.79 14.52
N THR A 112 0.18 6.52 14.09
CA THR A 112 -0.04 6.76 12.67
C THR A 112 1.18 7.44 12.07
N LYS A 113 1.71 8.42 12.79
CA LYS A 113 2.85 9.17 12.29
C LYS A 113 4.08 8.28 12.15
N LEU A 114 4.29 7.37 13.11
CA LEU A 114 5.46 6.50 13.05
C LEU A 114 5.37 5.48 11.90
N PHE A 115 4.19 4.89 11.70
CA PHE A 115 4.01 4.04 10.55
C PHE A 115 4.35 4.78 9.27
N GLU A 116 3.90 6.03 9.13
CA GLU A 116 4.22 6.77 7.91
C GLU A 116 5.71 7.04 7.82
N ARG A 117 6.36 7.32 8.98
CA ARG A 117 7.81 7.52 9.00
C ARG A 117 8.52 6.24 8.59
N ILE A 118 8.08 5.11 9.12
CA ILE A 118 8.69 3.85 8.72
C ILE A 118 8.48 3.63 7.23
N TYR A 119 7.26 3.87 6.74
CA TYR A 119 6.93 3.61 5.34
C TYR A 119 7.57 4.60 4.38
N SER A 120 8.06 5.75 4.84
CA SER A 120 8.76 6.67 3.96
C SER A 120 10.17 6.18 3.60
N THR A 121 10.65 5.10 4.19
CA THR A 121 11.94 4.56 3.83
C THR A 121 11.71 3.30 3.01
N ASP A 122 12.66 3.02 2.12
CA ASP A 122 12.58 1.81 1.31
C ASP A 122 12.51 0.57 2.21
N LEU A 123 13.35 0.52 3.23
CA LEU A 123 13.38 -0.64 4.11
C LEU A 123 12.03 -0.83 4.78
N GLY A 124 11.40 0.26 5.22
CA GLY A 124 10.14 0.09 5.93
C GLY A 124 9.00 -0.33 5.02
N ARG A 125 9.02 0.11 3.77
CA ARG A 125 8.01 -0.37 2.85
C ARG A 125 8.18 -1.87 2.61
N MET A 126 9.42 -2.34 2.56
CA MET A 126 9.64 -3.78 2.42
C MET A 126 9.10 -4.53 3.63
N LEU A 127 9.46 -4.06 4.83
CA LEU A 127 9.08 -4.80 6.05
C LEU A 127 7.57 -4.81 6.25
N LEU A 128 6.94 -3.65 6.07
CA LEU A 128 5.48 -3.62 6.29
C LEU A 128 4.74 -4.41 5.24
N THR A 129 5.23 -4.43 3.99
CA THR A 129 4.64 -5.31 2.98
C THR A 129 4.77 -6.76 3.43
N SER A 130 5.96 -7.17 3.86
CA SER A 130 6.15 -8.55 4.34
C SER A 130 5.19 -8.85 5.49
N ILE A 131 5.03 -7.92 6.42
CA ILE A 131 4.10 -8.10 7.54
C ILE A 131 2.68 -8.30 7.05
N VAL A 132 2.23 -7.45 6.12
CA VAL A 132 0.85 -7.54 5.66
C VAL A 132 0.59 -8.86 4.92
N ARG A 133 1.58 -9.32 4.16
CA ARG A 133 1.43 -10.61 3.45
C ARG A 133 1.57 -11.83 4.38
N GLY A 134 2.05 -11.66 5.60
CA GLY A 134 2.35 -12.77 6.47
C GLY A 134 1.17 -13.32 7.24
N ILE A 135 0.08 -13.60 6.56
CA ILE A 135 -1.14 -14.08 7.21
C ILE A 135 -0.85 -15.34 8.02
N PRO A 136 -1.27 -15.41 9.27
CA PRO A 136 -1.09 -16.64 10.05
C PRO A 136 -1.71 -17.85 9.36
N PHE A 137 -0.97 -18.96 9.38
CA PHE A 137 -1.39 -20.15 8.65
C PHE A 137 -2.69 -20.73 9.20
N TRP A 138 -3.49 -21.30 8.28
CA TRP A 138 -4.75 -21.96 8.62
C TRP A 138 -4.44 -23.39 9.04
N GLY A 139 -3.83 -23.54 10.22
CA GLY A 139 -3.44 -24.84 10.70
C GLY A 139 -4.23 -25.36 11.88
N GLY A 140 -5.47 -24.94 12.00
CA GLY A 140 -6.20 -25.16 13.21
C GLY A 140 -7.03 -26.42 13.29
N SER A 141 -7.02 -27.25 12.25
CA SER A 141 -7.89 -28.41 12.20
C SER A 141 -7.21 -29.66 12.73
N THR A 142 -7.98 -30.46 13.47
CA THR A 142 -7.51 -31.78 13.89
C THR A 142 -7.52 -32.80 12.77
N ILE A 143 -8.04 -32.46 11.60
CA ILE A 143 -8.12 -33.35 10.45
C ILE A 143 -7.09 -32.85 9.45
N ASP A 144 -6.06 -33.64 9.19
CA ASP A 144 -4.91 -33.11 8.49
C ASP A 144 -5.15 -32.95 6.99
N THR A 145 -6.39 -33.16 6.54
CA THR A 145 -6.82 -32.85 5.18
C THR A 145 -7.73 -31.65 5.12
N GLU A 146 -7.92 -30.94 6.22
CA GLU A 146 -8.89 -29.86 6.33
C GLU A 146 -8.13 -28.61 6.77
N LEU A 147 -8.24 -27.53 5.99
CA LEU A 147 -7.72 -26.25 6.40
C LEU A 147 -8.76 -25.55 7.28
N LYS A 148 -8.29 -24.94 8.36
CA LYS A 148 -9.18 -24.27 9.30
C LYS A 148 -8.42 -23.14 9.95
N VAL A 149 -9.07 -22.00 10.11
CA VAL A 149 -8.42 -20.91 10.80
C VAL A 149 -8.12 -21.31 12.26
N ILE A 150 -7.21 -20.58 12.87
CA ILE A 150 -7.00 -20.63 14.32
C ILE A 150 -7.65 -19.39 14.93
N ASP A 151 -8.58 -19.61 15.87
CA ASP A 151 -9.44 -18.57 16.43
C ASP A 151 -8.66 -17.42 17.01
N THR A 152 -7.50 -17.71 17.62
CA THR A 152 -6.75 -16.67 18.31
C THR A 152 -5.98 -15.78 17.33
N ASN A 153 -6.07 -16.05 16.04
CA ASN A 153 -5.55 -15.14 15.02
C ASN A 153 -6.63 -14.21 14.46
N CYS A 154 -7.73 -14.03 15.19
CA CYS A 154 -8.82 -13.15 14.78
C CYS A 154 -9.18 -12.21 15.91
N ILE A 155 -9.97 -11.19 15.58
CA ILE A 155 -10.70 -10.40 16.57
C ILE A 155 -12.16 -10.42 16.16
N ASN A 156 -13.02 -10.03 17.07
CA ASN A 156 -14.44 -9.92 16.78
C ASN A 156 -14.76 -8.45 16.65
N VAL A 157 -15.30 -8.07 15.49
CA VAL A 157 -15.53 -6.68 15.14
C VAL A 157 -17.02 -6.39 15.16
N ILE A 158 -17.42 -5.48 16.02
CA ILE A 158 -18.83 -5.16 16.14
C ILE A 158 -19.22 -4.15 15.08
N GLN A 159 -20.37 -4.36 14.48
CA GLN A 159 -20.93 -3.45 13.48
C GLN A 159 -21.78 -2.39 14.16
N PRO A 160 -22.17 -1.35 13.42
CA PRO A 160 -23.09 -0.35 14.00
C PRO A 160 -24.42 -0.96 14.44
N ASP A 161 -25.00 -1.86 13.62
CA ASP A 161 -26.26 -2.50 14.01
C ASP A 161 -26.09 -3.51 15.14
N GLY A 162 -24.86 -3.79 15.57
CA GLY A 162 -24.62 -4.53 16.80
C GLY A 162 -24.18 -5.97 16.62
N SER A 163 -24.18 -6.49 15.40
CA SER A 163 -23.70 -7.84 15.20
C SER A 163 -22.17 -7.90 15.21
N TYR A 164 -21.66 -9.12 15.28
CA TYR A 164 -20.23 -9.41 15.29
C TYR A 164 -19.84 -10.03 13.96
N ARG A 165 -18.64 -9.74 13.48
CA ARG A 165 -18.06 -10.66 12.50
C ARG A 165 -16.60 -10.88 12.84
N SER A 166 -16.16 -12.10 12.60
CA SER A 166 -14.79 -12.48 12.84
C SER A 166 -13.93 -11.91 11.73
N GLU A 167 -12.81 -11.30 12.10
CA GLU A 167 -11.87 -10.78 11.12
C GLU A 167 -10.49 -11.32 11.46
N GLU A 168 -9.86 -11.97 10.50
CA GLU A 168 -8.45 -12.30 10.61
C GLU A 168 -7.62 -11.03 10.58
N LEU A 169 -6.53 -11.01 11.35
CA LEU A 169 -5.61 -9.90 11.30
C LEU A 169 -4.21 -10.39 11.64
N ASN A 170 -3.24 -9.58 11.28
CA ASN A 170 -1.85 -9.94 11.49
C ASN A 170 -1.21 -9.22 12.67
N LEU A 171 -1.65 -8.00 12.96
CA LEU A 171 -0.92 -7.15 13.88
C LEU A 171 -1.89 -6.20 14.59
N VAL A 172 -1.71 -6.12 15.90
CA VAL A 172 -2.38 -5.14 16.76
C VAL A 172 -1.31 -4.32 17.46
N ILE A 173 -1.38 -2.98 17.34
CA ILE A 173 -0.61 -2.09 18.21
C ILE A 173 -1.50 -1.67 19.38
N ILE A 174 -1.02 -1.86 20.61
CA ILE A 174 -1.81 -1.55 21.80
C ILE A 174 -0.91 -0.84 22.79
N GLY A 175 -1.54 -0.15 23.74
CA GLY A 175 -0.81 0.57 24.75
C GLY A 175 -0.17 -0.38 25.72
N PRO A 176 0.87 0.10 26.43
CA PRO A 176 1.55 -0.76 27.39
C PRO A 176 0.64 -1.16 28.53
N SER A 177 1.04 -2.23 29.23
CA SER A 177 0.40 -2.66 30.46
C SER A 177 0.98 -1.85 31.62
N ALA A 178 1.12 -2.44 32.81
CA ALA A 178 1.51 -1.65 33.97
C ALA A 178 2.84 -0.90 33.74
N ASP A 179 3.87 -1.60 33.29
CA ASP A 179 5.18 -0.97 33.05
C ASP A 179 5.13 -0.27 31.70
N ILE A 180 5.02 1.04 31.72
CA ILE A 180 4.82 1.82 30.49
C ILE A 180 5.93 1.61 29.49
N ILE A 181 7.17 1.32 29.91
CA ILE A 181 8.25 1.25 28.94
C ILE A 181 8.63 -0.18 28.57
N GLN A 182 7.87 -1.16 29.03
CA GLN A 182 8.09 -2.54 28.63
C GLN A 182 7.38 -2.76 27.30
N PHE A 183 8.07 -2.43 26.23
CA PHE A 183 7.55 -2.65 24.89
C PHE A 183 7.93 -4.08 24.46
N GLU A 184 7.00 -4.75 23.79
CA GLU A 184 7.28 -6.12 23.37
C GLU A 184 6.25 -6.56 22.34
N CYS A 185 6.57 -7.67 21.71
CA CYS A 185 5.78 -8.26 20.65
C CYS A 185 5.40 -9.63 21.16
N LYS A 186 4.13 -9.83 21.42
CA LYS A 186 3.65 -11.07 22.02
C LYS A 186 2.43 -11.56 21.27
N SER A 187 2.05 -12.81 21.53
CA SER A 187 0.99 -13.43 20.74
C SER A 187 0.38 -14.57 21.54
N PHE A 188 -0.82 -14.94 21.13
CA PHE A 188 -1.50 -16.03 21.82
C PHE A 188 -0.98 -17.37 21.32
N GLY A 189 -0.68 -18.25 22.27
CA GLY A 189 -0.13 -19.56 21.99
C GLY A 189 -1.21 -20.61 21.76
N HIS A 190 -0.74 -21.81 21.42
CA HIS A 190 -1.60 -22.91 21.04
C HIS A 190 -1.26 -24.07 21.97
N GLU A 191 -2.29 -24.87 22.27
CA GLU A 191 -2.12 -25.91 23.27
C GLU A 191 -0.92 -26.80 22.92
N VAL A 192 -0.75 -27.14 21.65
CA VAL A 192 0.32 -28.02 21.22
C VAL A 192 1.27 -27.33 20.23
N LEU A 193 0.74 -26.61 19.25
CA LEU A 193 1.61 -26.01 18.24
C LEU A 193 2.36 -24.82 18.81
N ASN A 194 3.61 -24.62 18.33
CA ASN A 194 4.37 -23.41 18.63
C ASN A 194 4.36 -22.52 17.39
N LEU A 195 3.36 -21.66 17.32
CA LEU A 195 3.05 -20.99 16.06
C LEU A 195 4.15 -20.01 15.64
N THR A 196 4.91 -19.47 16.59
CA THR A 196 5.97 -18.53 16.21
C THR A 196 7.25 -19.23 15.77
N ARG A 197 7.32 -20.57 15.82
CA ARG A 197 8.56 -21.25 15.49
C ARG A 197 8.35 -22.47 14.62
N ASN A 198 7.15 -22.69 14.10
CA ASN A 198 6.86 -23.83 13.22
C ASN A 198 6.48 -23.37 11.82
N GLY A 199 6.77 -22.10 11.49
CA GLY A 199 6.43 -21.54 10.20
C GLY A 199 5.00 -21.04 10.04
N TYR A 200 4.09 -21.37 10.97
CA TYR A 200 2.69 -21.01 10.82
C TYR A 200 2.46 -19.52 11.02
N GLY A 201 3.01 -18.97 12.08
CA GLY A 201 2.73 -17.60 12.42
C GLY A 201 1.46 -17.47 13.23
N SER A 202 1.32 -16.30 13.87
CA SER A 202 0.17 -15.99 14.70
C SER A 202 0.06 -14.48 14.77
N THR A 203 -1.15 -14.00 15.04
CA THR A 203 -1.39 -12.58 15.17
C THR A 203 -0.48 -12.01 16.24
N GLN A 204 0.18 -10.90 15.93
CA GLN A 204 1.10 -10.29 16.87
C GLN A 204 0.51 -9.06 17.53
N TYR A 205 0.68 -8.97 18.84
CA TYR A 205 0.27 -7.83 19.66
C TYR A 205 1.52 -7.09 20.12
N ILE A 206 1.69 -5.85 19.69
CA ILE A 206 2.81 -5.04 20.12
C ILE A 206 2.33 -4.07 21.19
N ARG A 207 2.83 -4.23 22.41
CA ARG A 207 2.74 -3.20 23.43
C ARG A 207 3.76 -2.11 23.13
N PHE A 208 3.30 -0.87 22.98
CA PHE A 208 4.12 0.24 22.53
C PHE A 208 3.45 1.55 22.87
N SER A 209 4.26 2.57 23.17
CA SER A 209 3.74 3.93 23.32
C SER A 209 4.60 4.91 22.54
N PRO A 210 3.99 5.75 21.70
CA PRO A 210 4.74 6.85 21.06
C PRO A 210 4.97 8.04 21.95
N ASP A 211 4.46 7.98 23.18
CA ASP A 211 4.47 9.11 24.07
C ASP A 211 5.64 9.12 25.06
N PHE A 212 6.48 8.08 25.07
CA PHE A 212 7.67 8.01 25.93
C PHE A 212 8.82 7.48 25.08
N THR A 213 10.06 7.73 25.52
CA THR A 213 11.22 7.11 24.89
C THR A 213 12.33 7.01 25.92
N PHE A 214 13.42 6.33 25.53
CA PHE A 214 14.53 6.01 26.41
C PHE A 214 15.76 6.84 26.05
N GLY A 215 16.59 7.09 27.05
CA GLY A 215 17.85 7.79 26.86
C GLY A 215 19.03 6.83 26.76
N PHE A 216 20.00 7.22 25.94
CA PHE A 216 21.30 6.56 25.91
C PHE A 216 22.34 7.67 25.90
N GLU A 217 23.54 7.33 26.35
CA GLU A 217 24.65 8.28 26.33
C GLU A 217 25.56 8.01 25.15
N GLU A 218 26.17 9.06 24.65
CA GLU A 218 26.98 8.98 23.44
C GLU A 218 27.86 10.21 23.43
N SER A 219 29.08 10.05 22.95
CA SER A 219 30.01 11.16 22.79
C SER A 219 30.23 11.34 21.30
N LEU A 220 30.04 12.57 20.83
CA LEU A 220 30.13 12.87 19.40
C LEU A 220 31.56 13.28 19.07
N GLY A 229 32.53 16.14 26.12
CA GLY A 229 31.84 15.45 27.17
C GLY A 229 30.73 14.58 26.61
N ALA A 230 30.28 13.59 27.38
CA ALA A 230 29.31 12.66 26.83
C ALA A 230 27.94 13.34 26.76
N GLY A 231 27.17 12.96 25.77
CA GLY A 231 25.87 13.55 25.56
C GLY A 231 24.75 12.63 25.98
N LYS A 232 23.58 13.20 26.26
CA LYS A 232 22.42 12.47 26.78
C LYS A 232 21.37 12.56 25.68
N PHE A 233 21.19 11.48 24.94
CA PHE A 233 20.36 11.53 23.74
C PHE A 233 19.14 10.66 23.94
N ALA A 234 18.15 10.85 23.09
CA ALA A 234 16.91 10.11 23.15
C ALA A 234 16.77 9.20 21.95
N THR A 235 16.33 7.98 22.17
CA THR A 235 16.04 7.06 21.07
C THR A 235 14.85 7.56 20.24
N ASP A 236 15.00 7.54 18.93
CA ASP A 236 13.89 7.91 18.05
C ASP A 236 12.81 6.83 18.12
N PRO A 237 11.59 7.15 18.55
CA PRO A 237 10.57 6.11 18.68
C PRO A 237 10.24 5.37 17.38
N ALA A 238 10.54 5.93 16.20
CA ALA A 238 10.37 5.18 14.96
C ALA A 238 11.30 3.95 14.93
N VAL A 239 12.52 4.10 15.47
CA VAL A 239 13.44 2.95 15.61
C VAL A 239 12.85 1.91 16.54
N THR A 240 12.33 2.34 17.70
CA THR A 240 11.78 1.39 18.67
C THR A 240 10.60 0.63 18.08
N LEU A 241 9.70 1.34 17.41
CA LEU A 241 8.57 0.67 16.76
C LEU A 241 9.07 -0.29 15.69
N ALA A 242 10.05 0.13 14.87
CA ALA A 242 10.54 -0.76 13.81
C ALA A 242 11.14 -2.04 14.40
N HIS A 243 11.86 -1.91 15.50
CA HIS A 243 12.35 -3.07 16.24
C HIS A 243 11.24 -4.06 16.57
N GLU A 244 10.14 -3.58 17.16
CA GLU A 244 9.07 -4.51 17.51
C GLU A 244 8.41 -5.08 16.25
N LEU A 245 8.33 -4.29 15.20
CA LEU A 245 7.77 -4.80 13.95
C LEU A 245 8.64 -5.85 13.31
N ILE A 246 9.97 -5.77 13.50
CA ILE A 246 10.86 -6.81 13.02
C ILE A 246 10.60 -8.12 13.74
N HIS A 247 10.42 -8.08 15.06
CA HIS A 247 10.01 -9.27 15.79
C HIS A 247 8.72 -9.83 15.21
N ALA A 248 7.75 -8.93 14.97
CA ALA A 248 6.46 -9.38 14.44
C ALA A 248 6.64 -10.10 13.11
N GLY A 249 7.52 -9.60 12.25
CA GLY A 249 7.78 -10.29 11.01
C GLY A 249 8.31 -11.69 11.23
N HIS A 250 9.27 -11.84 12.15
CA HIS A 250 9.78 -13.16 12.48
C HIS A 250 8.63 -14.07 12.90
N ARG A 251 7.80 -13.56 13.82
CA ARG A 251 6.76 -14.38 14.44
C ARG A 251 5.59 -14.66 13.48
N LEU A 252 5.26 -13.71 12.60
CA LEU A 252 4.23 -13.95 11.58
C LEU A 252 4.63 -15.03 10.58
N TYR A 253 5.92 -15.14 10.25
CA TYR A 253 6.41 -16.23 9.41
C TYR A 253 6.90 -17.44 10.22
N GLY A 254 6.64 -17.45 11.53
CA GLY A 254 6.95 -18.60 12.37
C GLY A 254 8.41 -18.99 12.38
N ILE A 255 9.32 -18.03 12.28
CA ILE A 255 10.75 -18.32 12.26
C ILE A 255 11.48 -17.63 13.43
N ALA A 256 10.77 -17.32 14.50
CA ALA A 256 11.41 -16.77 15.69
C ALA A 256 12.38 -17.78 16.29
N ILE A 257 13.43 -17.28 16.95
CA ILE A 257 14.37 -18.18 17.62
C ILE A 257 13.85 -18.44 19.04
N ASN A 258 13.89 -19.69 19.43
CA ASN A 258 13.46 -20.10 20.76
C ASN A 258 14.01 -19.14 21.79
N PRO A 259 13.17 -18.57 22.67
CA PRO A 259 13.71 -17.63 23.67
C PRO A 259 14.68 -18.27 24.64
N ASN A 260 14.89 -19.59 24.61
CA ASN A 260 15.85 -20.24 25.49
C ASN A 260 17.26 -20.24 24.93
N ARG A 261 17.46 -19.79 23.69
CA ARG A 261 18.79 -19.54 23.16
C ARG A 261 19.19 -18.12 23.55
N VAL A 262 20.17 -18.01 24.45
CA VAL A 262 20.58 -16.73 25.02
C VAL A 262 22.10 -16.67 25.16
N PHE A 263 22.61 -15.44 25.23
CA PHE A 263 23.96 -15.14 25.72
C PHE A 263 23.84 -14.59 27.14
N LYS A 264 24.56 -15.20 28.08
CA LYS A 264 24.52 -14.78 29.47
C LYS A 264 25.67 -13.83 29.82
N GLU A 277 20.88 -12.09 30.70
CA GLU A 277 20.47 -12.82 29.51
C GLU A 277 20.05 -11.89 28.35
N VAL A 278 20.63 -12.13 27.18
CA VAL A 278 20.21 -11.49 25.94
C VAL A 278 19.96 -12.60 24.92
N SER A 279 18.73 -12.72 24.44
CA SER A 279 18.37 -13.82 23.55
C SER A 279 18.97 -13.62 22.16
N PHE A 280 19.20 -14.73 21.47
CA PHE A 280 19.59 -14.67 20.07
C PHE A 280 18.57 -13.86 19.27
N GLU A 281 17.29 -14.03 19.58
CA GLU A 281 16.23 -13.33 18.87
C GLU A 281 16.44 -11.84 18.96
N GLU A 282 16.82 -11.33 20.14
CA GLU A 282 17.07 -9.90 20.30
C GLU A 282 18.30 -9.48 19.50
N LEU A 283 19.38 -10.26 19.60
CA LEU A 283 20.60 -9.94 18.86
C LEU A 283 20.34 -9.89 17.35
N ARG A 284 19.54 -10.82 16.85
CA ARG A 284 19.24 -10.86 15.43
C ARG A 284 18.41 -9.66 15.01
N THR A 285 17.46 -9.26 15.85
CA THR A 285 16.59 -8.15 15.56
C THR A 285 17.34 -6.83 15.60
N PHE A 286 18.29 -6.69 16.54
CA PHE A 286 19.09 -5.48 16.58
C PHE A 286 19.97 -5.37 15.35
N GLY A 287 20.61 -6.46 14.98
CA GLY A 287 21.37 -6.51 13.75
C GLY A 287 22.77 -5.99 13.93
N GLY A 288 23.34 -5.43 12.87
CA GLY A 288 24.68 -4.91 12.96
C GLY A 288 25.67 -5.97 13.39
N HIS A 289 26.72 -5.51 14.07
CA HIS A 289 27.77 -6.41 14.53
C HIS A 289 27.29 -7.30 15.67
N ASP A 290 26.25 -6.86 16.38
CA ASP A 290 25.66 -7.68 17.44
C ASP A 290 25.23 -9.04 16.89
N ALA A 291 24.69 -9.04 15.67
CA ALA A 291 24.20 -10.27 15.04
C ALA A 291 25.34 -11.21 14.68
N LYS A 292 26.51 -10.66 14.31
CA LYS A 292 27.63 -11.49 13.91
C LYS A 292 28.06 -12.44 15.03
N PHE A 293 27.55 -12.23 16.24
CA PHE A 293 28.00 -13.04 17.37
C PHE A 293 27.27 -14.38 17.43
N ILE A 294 26.04 -14.44 16.93
CA ILE A 294 25.44 -15.73 16.59
C ILE A 294 26.44 -16.49 15.71
N ASP A 295 26.98 -17.59 16.20
CA ASP A 295 27.93 -18.35 15.37
C ASP A 295 27.21 -18.79 14.10
N SER A 296 27.90 -18.66 12.96
CA SER A 296 27.28 -18.80 11.65
C SER A 296 26.90 -20.24 11.32
N LEU A 297 27.52 -21.22 11.96
CA LEU A 297 27.07 -22.59 11.78
C LEU A 297 25.72 -22.80 12.46
N GLN A 298 25.51 -22.13 13.60
CA GLN A 298 24.20 -22.09 14.22
C GLN A 298 23.15 -21.52 13.27
N GLU A 299 23.47 -20.41 12.58
CA GLU A 299 22.52 -19.81 11.65
C GLU A 299 22.11 -20.80 10.57
N ASN A 300 23.07 -21.46 9.94
CA ASN A 300 22.73 -22.45 8.93
C ASN A 300 21.81 -23.52 9.52
N GLU A 301 22.09 -23.97 10.73
CA GLU A 301 21.21 -24.96 11.36
C GLU A 301 19.79 -24.41 11.51
N PHE A 302 19.67 -23.16 11.96
CA PHE A 302 18.36 -22.52 12.04
C PHE A 302 17.69 -22.47 10.67
N ARG A 303 18.44 -22.03 9.66
CA ARG A 303 17.85 -21.86 8.33
C ARG A 303 17.34 -23.19 7.78
N LEU A 304 18.11 -24.26 7.97
CA LEU A 304 17.67 -25.57 7.49
C LEU A 304 16.43 -26.03 8.24
N TYR A 305 16.36 -25.76 9.55
CA TYR A 305 15.18 -26.13 10.34
C TYR A 305 13.92 -25.46 9.80
N TYR A 306 13.98 -24.15 9.57
CA TYR A 306 12.77 -23.47 9.12
C TYR A 306 12.49 -23.79 7.67
N TYR A 307 13.51 -24.09 6.86
CA TYR A 307 13.26 -24.58 5.50
C TYR A 307 12.41 -25.85 5.55
N ASN A 308 12.77 -26.79 6.42
CA ASN A 308 11.98 -28.02 6.56
C ASN A 308 10.58 -27.75 7.07
N LYS A 309 10.43 -26.78 7.97
CA LYS A 309 9.09 -26.40 8.42
C LYS A 309 8.26 -25.84 7.28
N PHE A 310 8.87 -25.00 6.43
CA PHE A 310 8.15 -24.52 5.26
C PHE A 310 7.77 -25.68 4.33
N LYS A 311 8.62 -26.70 4.25
CA LYS A 311 8.28 -27.87 3.42
C LYS A 311 7.10 -28.61 4.03
N ASP A 312 7.05 -28.73 5.35
CA ASP A 312 5.89 -29.31 6.01
C ASP A 312 4.63 -28.52 5.67
N ILE A 313 4.74 -27.19 5.58
CA ILE A 313 3.57 -26.39 5.24
C ILE A 313 3.15 -26.67 3.80
N ALA A 314 4.12 -26.78 2.89
CA ALA A 314 3.80 -27.07 1.50
C ALA A 314 3.00 -28.36 1.35
N SER A 315 3.40 -29.40 2.08
CA SER A 315 2.75 -30.68 1.91
C SER A 315 1.46 -30.76 2.70
N THR A 316 1.29 -29.94 3.72
CA THR A 316 -0.04 -29.77 4.28
C THR A 316 -0.98 -29.17 3.26
N LEU A 317 -0.50 -28.16 2.53
CA LEU A 317 -1.33 -27.55 1.50
C LEU A 317 -1.63 -28.56 0.39
N ASN A 318 -0.71 -29.50 0.15
CA ASN A 318 -0.92 -30.48 -0.91
C ASN A 318 -1.90 -31.57 -0.49
N LYS A 319 -1.78 -32.07 0.74
CA LYS A 319 -2.70 -33.07 1.28
C LYS A 319 -4.05 -32.48 1.67
N ALA A 320 -4.31 -31.20 1.43
CA ALA A 320 -5.58 -30.60 1.86
C ALA A 320 -6.69 -30.93 0.87
N LYS A 321 -7.81 -31.44 1.39
CA LYS A 321 -8.99 -31.75 0.58
C LYS A 321 -10.18 -30.82 0.81
N SER A 322 -10.32 -30.27 2.02
CA SER A 322 -11.50 -29.51 2.39
C SER A 322 -11.09 -28.25 3.15
N ILE A 323 -12.06 -27.38 3.34
CA ILE A 323 -11.87 -26.13 4.08
C ILE A 323 -13.17 -25.85 4.83
N VAL A 324 -13.04 -25.34 6.06
CA VAL A 324 -14.21 -25.07 6.87
C VAL A 324 -14.13 -23.63 7.35
N GLY A 325 -15.29 -23.09 7.72
CA GLY A 325 -15.33 -21.78 8.31
C GLY A 325 -15.14 -20.65 7.33
N THR A 326 -15.35 -20.90 6.04
CA THR A 326 -15.25 -19.83 5.07
C THR A 326 -16.05 -20.19 3.83
N THR A 327 -16.43 -19.14 3.12
CA THR A 327 -17.09 -19.24 1.83
C THR A 327 -16.09 -19.26 0.69
N ALA A 328 -14.79 -19.17 1.00
CA ALA A 328 -13.72 -19.17 0.00
C ALA A 328 -13.21 -20.58 -0.25
N SER A 329 -12.90 -20.88 -1.51
CA SER A 329 -12.55 -22.25 -1.86
C SER A 329 -11.25 -22.68 -1.19
N LEU A 330 -11.05 -24.00 -1.11
CA LEU A 330 -9.76 -24.54 -0.76
C LEU A 330 -8.66 -23.92 -1.64
N GLN A 331 -8.83 -24.01 -2.96
CA GLN A 331 -7.79 -23.56 -3.88
C GLN A 331 -7.43 -22.09 -3.63
N TYR A 332 -8.41 -21.25 -3.29
CA TYR A 332 -8.08 -19.84 -3.04
C TYR A 332 -7.23 -19.66 -1.77
N MET A 333 -7.53 -20.41 -0.70
CA MET A 333 -6.75 -20.20 0.52
C MET A 333 -5.38 -20.83 0.38
N LYS A 334 -5.29 -21.92 -0.40
CA LYS A 334 -3.99 -22.45 -0.78
C LYS A 334 -3.14 -21.35 -1.39
N ASN A 335 -3.74 -20.53 -2.24
CA ASN A 335 -2.97 -19.54 -2.98
C ASN A 335 -2.59 -18.36 -2.12
N VAL A 336 -3.41 -18.02 -1.12
CA VAL A 336 -2.97 -17.04 -0.14
C VAL A 336 -1.63 -17.48 0.45
N PHE A 337 -1.52 -18.77 0.80
CA PHE A 337 -0.32 -19.27 1.46
C PHE A 337 0.80 -19.60 0.47
N LYS A 338 0.47 -19.98 -0.76
CA LYS A 338 1.50 -19.95 -1.80
C LYS A 338 2.15 -18.58 -1.87
N GLU A 339 1.32 -17.54 -1.86
CA GLU A 339 1.84 -16.18 -1.96
C GLU A 339 2.66 -15.82 -0.73
N LYS A 340 2.19 -16.19 0.47
CA LYS A 340 2.92 -15.79 1.68
C LYS A 340 4.32 -16.38 1.72
N TYR A 341 4.43 -17.69 1.51
CA TYR A 341 5.68 -18.40 1.66
C TYR A 341 6.47 -18.50 0.35
N LEU A 342 5.98 -17.87 -0.72
CA LEU A 342 6.66 -17.89 -2.01
C LEU A 342 6.87 -19.31 -2.52
N LEU A 343 5.85 -20.13 -2.41
CA LEU A 343 5.89 -21.49 -2.89
C LEU A 343 5.82 -21.55 -4.42
N SER A 344 6.50 -22.55 -4.97
CA SER A 344 6.38 -22.87 -6.37
C SER A 344 5.26 -23.87 -6.60
N GLU A 345 4.62 -23.76 -7.76
CA GLU A 345 3.49 -24.59 -8.14
C GLU A 345 3.79 -25.21 -9.49
N ASP A 346 3.70 -26.53 -9.60
CA ASP A 346 3.99 -27.21 -10.85
C ASP A 346 2.69 -27.30 -11.68
N THR A 347 2.81 -27.87 -12.88
CA THR A 347 1.65 -27.99 -13.76
C THR A 347 0.51 -28.75 -13.10
N SER A 348 0.83 -29.71 -12.24
CA SER A 348 -0.18 -30.48 -11.53
C SER A 348 -0.88 -29.67 -10.44
N GLY A 349 -0.43 -28.46 -10.16
CA GLY A 349 -0.97 -27.69 -9.07
C GLY A 349 -0.35 -27.98 -7.72
N LYS A 350 0.71 -28.78 -7.68
CA LYS A 350 1.38 -29.19 -6.45
C LYS A 350 2.42 -28.15 -6.02
N PHE A 351 2.36 -27.76 -4.74
CA PHE A 351 3.25 -26.74 -4.20
C PHE A 351 4.57 -27.33 -3.69
N SER A 352 5.65 -26.55 -3.81
CA SER A 352 6.89 -26.89 -3.12
C SER A 352 7.67 -25.64 -2.74
N VAL A 353 8.68 -25.82 -1.91
CA VAL A 353 9.56 -24.74 -1.50
C VAL A 353 10.74 -24.70 -2.46
N ASP A 354 10.98 -23.53 -3.05
CA ASP A 354 12.14 -23.33 -3.90
C ASP A 354 13.28 -22.80 -3.03
N LYS A 355 14.45 -23.43 -3.10
CA LYS A 355 15.51 -23.10 -2.14
C LYS A 355 15.92 -21.63 -2.27
N LEU A 356 15.99 -21.12 -3.50
CA LEU A 356 16.43 -19.74 -3.67
C LEU A 356 15.40 -18.75 -3.14
N LYS A 357 14.11 -19.05 -3.35
CA LYS A 357 13.08 -18.15 -2.83
C LYS A 357 13.05 -18.19 -1.32
N PHE A 358 13.21 -19.37 -0.72
CA PHE A 358 13.22 -19.47 0.74
C PHE A 358 14.38 -18.66 1.32
N ASP A 359 15.60 -18.84 0.78
CA ASP A 359 16.73 -18.08 1.27
C ASP A 359 16.51 -16.59 1.12
N LYS A 360 15.86 -16.17 0.03
CA LYS A 360 15.57 -14.74 -0.17
C LYS A 360 14.64 -14.22 0.94
N LEU A 361 13.49 -14.87 1.13
CA LEU A 361 12.55 -14.48 2.15
C LEU A 361 13.20 -14.53 3.54
N TYR A 362 13.91 -15.62 3.84
CA TYR A 362 14.45 -15.80 5.18
C TYR A 362 15.49 -14.74 5.45
N LYS A 363 16.34 -14.44 4.45
CA LYS A 363 17.36 -13.42 4.60
C LYS A 363 16.75 -12.04 4.80
N MET A 364 15.67 -11.75 4.05
CA MET A 364 15.01 -10.46 4.24
C MET A 364 14.52 -10.32 5.67
N LEU A 365 13.81 -11.33 6.16
CA LEU A 365 13.17 -11.23 7.47
C LEU A 365 14.20 -11.18 8.60
N THR A 366 15.35 -11.85 8.43
CA THR A 366 16.26 -12.01 9.55
C THR A 366 17.54 -11.19 9.45
N GLU A 367 18.00 -10.88 8.24
CA GLU A 367 19.24 -10.13 8.08
C GLU A 367 19.05 -8.72 7.59
N ILE A 368 18.04 -8.47 6.75
CA ILE A 368 17.88 -7.14 6.15
C ILE A 368 17.03 -6.25 7.06
N TYR A 369 15.93 -6.79 7.58
CA TYR A 369 15.06 -6.06 8.50
C TYR A 369 15.68 -6.14 9.90
N THR A 370 16.45 -5.12 10.25
CA THR A 370 17.11 -5.02 11.54
C THR A 370 17.04 -3.58 12.04
N GLU A 371 17.10 -3.42 13.35
CA GLU A 371 17.14 -2.07 13.91
C GLU A 371 18.31 -1.30 13.34
N ASP A 372 19.48 -1.92 13.28
CA ASP A 372 20.65 -1.19 12.82
C ASP A 372 20.44 -0.66 11.40
N ASN A 373 19.76 -1.45 10.54
CA ASN A 373 19.52 -0.96 9.18
C ASN A 373 18.51 0.16 9.16
N PHE A 374 17.50 0.15 10.05
CA PHE A 374 16.60 1.28 10.13
C PHE A 374 17.32 2.54 10.60
N VAL A 375 18.23 2.39 11.55
CA VAL A 375 19.05 3.53 11.98
C VAL A 375 19.76 4.15 10.78
N LYS A 376 20.37 3.31 9.94
CA LYS A 376 21.08 3.82 8.77
C LYS A 376 20.12 4.52 7.80
N PHE A 377 18.91 3.97 7.58
CA PHE A 377 17.98 4.62 6.66
C PHE A 377 17.42 5.92 7.25
N PHE A 378 17.09 5.92 8.54
CA PHE A 378 16.61 7.14 9.18
C PHE A 378 17.71 8.20 9.37
N LYS A 379 18.97 7.81 9.38
CA LYS A 379 20.10 8.72 9.65
C LYS A 379 19.91 9.38 11.02
N VAL A 380 19.57 8.57 12.01
CA VAL A 380 19.40 9.05 13.38
C VAL A 380 20.53 8.49 14.24
N LEU A 381 20.65 9.02 15.45
CA LEU A 381 21.58 8.47 16.41
C LEU A 381 20.87 7.38 17.21
N ASN A 382 21.61 6.32 17.55
CA ASN A 382 21.02 5.18 18.22
C ASN A 382 22.12 4.51 19.02
N ARG A 383 21.74 3.78 20.05
CA ARG A 383 22.71 2.97 20.78
C ARG A 383 23.39 2.03 19.79
N LYS A 384 24.68 1.75 20.04
CA LYS A 384 25.48 1.00 19.08
C LYS A 384 25.44 -0.51 19.32
N THR A 385 24.91 -0.93 20.47
CA THR A 385 24.76 -2.35 20.78
C THR A 385 23.50 -2.52 21.63
N TYR A 386 22.92 -3.72 21.56
CA TYR A 386 21.62 -3.96 22.18
C TYR A 386 21.59 -3.67 23.69
N LEU A 387 22.67 -3.88 24.41
CA LEU A 387 22.58 -3.62 25.84
C LEU A 387 22.77 -2.15 26.25
N ASN A 388 23.41 -1.32 25.42
CA ASN A 388 23.84 -0.01 25.88
C ASN A 388 22.74 1.05 25.98
N PHE A 389 21.61 0.69 26.60
CA PHE A 389 20.61 1.71 26.92
C PHE A 389 20.81 2.19 28.36
N ASP A 390 20.25 3.37 28.66
CA ASP A 390 20.31 3.98 29.98
C ASP A 390 19.05 3.61 30.76
N LYS A 391 19.04 3.99 32.03
CA LYS A 391 17.82 3.91 32.82
C LYS A 391 16.91 5.11 32.61
N ALA A 392 17.28 6.03 31.72
CA ALA A 392 16.55 7.29 31.56
C ALA A 392 15.30 7.10 30.72
N VAL A 393 14.22 7.74 31.16
CA VAL A 393 12.95 7.71 30.46
C VAL A 393 12.47 9.15 30.29
N PHE A 394 11.94 9.46 29.12
CA PHE A 394 11.48 10.79 28.76
C PHE A 394 10.06 10.78 28.22
N LYS A 395 9.26 11.76 28.65
CA LYS A 395 7.99 12.08 27.99
C LYS A 395 8.28 12.93 26.75
N ILE A 396 7.60 12.60 25.66
CA ILE A 396 7.74 13.30 24.40
C ILE A 396 6.35 13.48 23.81
N ASN A 397 6.28 14.28 22.75
CA ASN A 397 5.05 14.44 21.98
C ASN A 397 5.47 14.66 20.53
N ILE A 398 5.42 13.57 19.74
CA ILE A 398 5.86 13.63 18.36
C ILE A 398 4.77 14.05 17.39
N VAL A 399 3.56 14.32 17.86
CA VAL A 399 2.46 14.61 16.97
C VAL A 399 2.59 15.96 16.28
N PRO A 400 2.87 17.05 17.01
CA PRO A 400 2.99 18.36 16.32
C PRO A 400 4.20 18.34 15.40
N LYS A 401 4.03 18.84 14.18
CA LYS A 401 5.14 18.78 13.24
C LYS A 401 6.26 19.78 13.58
N VAL A 402 6.00 20.74 14.46
CA VAL A 402 7.10 21.55 14.96
C VAL A 402 8.02 20.73 15.88
N ASN A 403 7.55 19.58 16.39
CA ASN A 403 8.39 18.77 17.27
C ASN A 403 9.08 17.60 16.58
N TYR A 404 8.47 17.03 15.54
CA TYR A 404 8.92 15.78 14.97
C TYR A 404 8.24 15.63 13.63
N THR A 405 9.00 15.15 12.64
CA THR A 405 8.48 15.00 11.29
C THR A 405 8.75 13.61 10.76
N ILE A 406 7.92 13.25 9.80
CA ILE A 406 8.03 11.97 9.15
C ILE A 406 9.40 11.82 8.50
N TYR A 407 9.91 12.89 7.89
CA TYR A 407 11.19 12.76 7.18
C TYR A 407 12.39 12.89 8.12
N ASP A 408 12.35 13.76 9.13
CA ASP A 408 13.55 14.02 9.90
C ASP A 408 13.50 13.58 11.36
N GLY A 409 12.40 13.01 11.82
CA GLY A 409 12.30 12.68 13.23
C GLY A 409 12.44 13.96 14.04
N PHE A 410 13.29 13.93 15.09
CA PHE A 410 13.47 15.15 15.87
C PHE A 410 14.43 16.14 15.22
N ASN A 411 15.24 15.66 14.25
CA ASN A 411 16.40 16.42 13.76
C ASN A 411 15.99 17.30 12.56
N LEU A 412 15.20 18.33 12.88
CA LEU A 412 14.48 19.08 11.85
C LEU A 412 15.44 19.81 10.91
N ARG A 413 15.26 19.58 9.62
CA ARG A 413 16.14 20.18 8.63
C ARG A 413 16.03 21.68 8.68
N ASN A 414 17.13 22.35 8.31
CA ASN A 414 17.20 23.80 8.23
C ASN A 414 16.95 24.47 9.57
N THR A 415 17.19 23.75 10.66
CA THR A 415 17.19 24.28 12.02
C THR A 415 18.50 23.89 12.68
N ASN A 416 18.74 24.44 13.87
CA ASN A 416 19.92 24.02 14.62
C ASN A 416 19.83 22.58 15.08
N LEU A 417 18.64 21.96 15.04
CA LEU A 417 18.50 20.55 15.39
C LEU A 417 18.91 19.64 14.24
N ALA A 418 19.15 20.21 13.05
CA ALA A 418 19.47 19.39 11.88
C ALA A 418 20.84 18.74 11.97
N ALA A 419 21.76 19.37 12.67
CA ALA A 419 23.14 18.92 12.70
C ALA A 419 23.49 18.27 14.03
N ASN A 420 24.45 17.34 13.96
CA ASN A 420 25.01 16.67 15.12
C ASN A 420 23.94 15.96 15.94
N PHE A 421 22.84 15.58 15.30
CA PHE A 421 21.73 14.91 15.99
C PHE A 421 21.21 15.75 17.14
N ASN A 422 21.32 17.08 17.00
CA ASN A 422 20.90 17.99 18.05
C ASN A 422 19.44 17.78 18.44
N GLY A 423 18.59 17.41 17.49
CA GLY A 423 17.19 17.23 17.82
C GLY A 423 16.95 16.11 18.82
N GLN A 424 17.84 15.12 18.84
CA GLN A 424 17.73 14.02 19.80
C GLN A 424 18.55 14.26 21.05
N ASN A 425 19.28 15.35 21.11
CA ASN A 425 20.08 15.68 22.29
C ASN A 425 19.14 16.27 23.34
N THR A 426 18.96 15.55 24.46
CA THR A 426 17.96 15.96 25.46
C THR A 426 18.30 17.25 26.20
N GLU A 427 19.50 17.78 26.03
CA GLU A 427 19.82 19.06 26.63
C GLU A 427 19.62 20.20 25.66
N ILE A 428 20.02 20.02 24.40
CA ILE A 428 19.87 21.08 23.43
C ILE A 428 18.41 21.26 23.07
N ASN A 429 17.76 20.18 22.66
CA ASN A 429 16.34 20.15 22.30
C ASN A 429 15.48 19.80 23.51
N ASN A 430 15.79 20.46 24.63
CA ASN A 430 15.12 20.11 25.89
C ASN A 430 13.63 20.37 25.87
N MET A 431 13.14 21.26 25.01
CA MET A 431 11.70 21.48 24.95
C MET A 431 10.93 20.25 24.46
N ASN A 432 11.59 19.25 23.92
CA ASN A 432 10.92 18.07 23.44
C ASN A 432 11.07 16.87 24.35
N PHE A 433 11.78 16.98 25.47
CA PHE A 433 12.01 15.84 26.33
C PHE A 433 11.83 16.25 27.77
N THR A 434 10.87 15.64 28.46
CA THR A 434 10.71 15.80 29.90
C THR A 434 11.25 14.54 30.58
N LYS A 435 12.24 14.71 31.44
CA LYS A 435 12.84 13.56 32.11
C LYS A 435 11.97 13.14 33.28
N LEU A 436 11.70 11.83 33.36
CA LEU A 436 10.83 11.26 34.37
C LEU A 436 11.55 10.35 35.35
N LYS A 437 12.61 9.70 34.93
CA LYS A 437 13.27 8.68 35.75
C LYS A 437 14.54 8.27 35.01
N SER B 11 12.44 -15.46 -16.10
CA SER B 11 12.29 -14.69 -14.83
C SER B 11 11.90 -13.21 -15.06
N SER B 12 10.83 -12.79 -14.40
CA SER B 12 10.19 -11.50 -14.59
C SER B 12 10.71 -10.37 -13.70
N GLY B 13 11.37 -10.67 -12.60
CA GLY B 13 11.87 -9.62 -11.73
C GLY B 13 10.79 -8.76 -11.10
N LEU B 14 9.69 -9.37 -10.68
CA LEU B 14 8.60 -8.59 -10.11
C LEU B 14 8.87 -8.10 -8.69
N VAL B 15 9.88 -8.63 -8.01
CA VAL B 15 10.15 -8.26 -6.63
C VAL B 15 11.66 -8.06 -6.47
N PRO B 16 12.22 -6.98 -7.00
CA PRO B 16 13.67 -6.80 -6.89
C PRO B 16 14.10 -6.53 -5.45
N ARG B 17 13.22 -5.99 -4.62
CA ARG B 17 13.57 -5.66 -3.24
C ARG B 17 12.47 -6.13 -2.31
N GLY B 18 12.86 -6.85 -1.27
CA GLY B 18 11.91 -7.31 -0.29
C GLY B 18 11.37 -8.68 -0.65
N SER B 19 10.31 -9.04 0.03
CA SER B 19 9.77 -10.38 -0.15
C SER B 19 8.60 -10.41 -1.11
N HIS B 20 7.83 -9.33 -1.19
CA HIS B 20 6.63 -9.32 -1.98
C HIS B 20 6.47 -7.97 -2.69
N MET B 21 5.66 -7.97 -3.72
CA MET B 21 5.32 -6.76 -4.41
C MET B 21 4.61 -5.78 -3.47
N GLU B 22 4.81 -4.49 -3.71
CA GLU B 22 4.42 -3.51 -2.72
C GLU B 22 3.08 -2.87 -3.02
N PHE B 23 2.64 -2.87 -4.27
CA PHE B 23 1.33 -2.40 -4.63
C PHE B 23 0.40 -3.49 -5.13
N VAL B 24 0.82 -4.25 -6.15
CA VAL B 24 0.00 -5.35 -6.64
C VAL B 24 -0.01 -6.45 -5.59
N ASN B 25 -1.21 -6.99 -5.30
CA ASN B 25 -1.37 -7.86 -4.15
C ASN B 25 -1.00 -9.32 -4.38
N LYS B 26 -0.96 -9.78 -5.62
CA LYS B 26 -0.67 -11.18 -5.88
C LYS B 26 0.12 -11.27 -7.17
N GLN B 27 0.97 -12.29 -7.27
CA GLN B 27 1.60 -12.64 -8.55
C GLN B 27 0.67 -13.59 -9.31
N PHE B 28 -0.27 -13.00 -10.03
CA PHE B 28 -1.27 -13.78 -10.75
C PHE B 28 -0.67 -14.43 -11.99
N ASN B 29 -1.17 -15.60 -12.33
CA ASN B 29 -1.02 -16.20 -13.65
C ASN B 29 -2.40 -16.18 -14.29
N TYR B 30 -2.45 -16.02 -15.61
CA TYR B 30 -3.76 -15.93 -16.24
C TYR B 30 -4.59 -17.17 -15.96
N LYS B 31 -3.93 -18.32 -15.80
CA LYS B 31 -4.60 -19.61 -15.63
C LYS B 31 -5.06 -19.87 -14.20
N ASP B 32 -4.60 -19.08 -13.22
CA ASP B 32 -5.07 -19.26 -11.85
C ASP B 32 -6.60 -19.38 -11.84
N PRO B 33 -7.16 -20.31 -11.09
CA PRO B 33 -8.61 -20.46 -11.13
C PRO B 33 -9.34 -19.32 -10.44
N VAL B 34 -10.54 -19.06 -10.96
CA VAL B 34 -11.37 -18.01 -10.38
C VAL B 34 -11.68 -18.33 -8.93
N ASN B 35 -11.94 -17.28 -8.15
CA ASN B 35 -12.26 -17.51 -6.74
C ASN B 35 -13.32 -16.56 -6.19
N GLY B 36 -13.94 -15.71 -7.02
CA GLY B 36 -14.93 -14.77 -6.56
C GLY B 36 -14.39 -13.63 -5.71
N VAL B 37 -13.09 -13.60 -5.43
CA VAL B 37 -12.52 -12.56 -4.57
C VAL B 37 -11.59 -11.64 -5.34
N ASP B 38 -10.42 -12.14 -5.76
CA ASP B 38 -9.54 -11.34 -6.58
C ASP B 38 -9.28 -11.93 -7.96
N ILE B 39 -9.90 -13.05 -8.29
CA ILE B 39 -9.93 -13.59 -9.64
C ILE B 39 -11.36 -13.99 -9.92
N ALA B 40 -11.98 -13.39 -10.94
CA ALA B 40 -13.39 -13.62 -11.18
C ALA B 40 -13.71 -13.29 -12.62
N TYR B 41 -14.76 -13.92 -13.12
CA TYR B 41 -15.47 -13.43 -14.30
C TYR B 41 -16.32 -12.24 -13.85
N ILE B 42 -16.27 -11.15 -14.63
CA ILE B 42 -16.97 -9.93 -14.27
C ILE B 42 -17.70 -9.41 -15.50
N LYS B 43 -18.69 -8.56 -15.23
CA LYS B 43 -19.41 -7.85 -16.26
C LYS B 43 -19.46 -6.39 -15.89
N ILE B 44 -19.35 -5.54 -16.90
CA ILE B 44 -19.50 -4.10 -16.78
C ILE B 44 -20.98 -3.77 -16.88
N PRO B 45 -21.52 -2.89 -16.04
CA PRO B 45 -22.96 -2.65 -16.10
C PRO B 45 -23.33 -1.90 -17.37
N ASN B 46 -24.56 -2.15 -17.81
CA ASN B 46 -25.27 -1.36 -18.82
C ASN B 46 -24.51 -1.20 -20.13
N VAL B 47 -23.88 -2.28 -20.60
CA VAL B 47 -23.17 -2.23 -21.87
C VAL B 47 -23.63 -3.30 -22.84
N GLY B 48 -24.74 -3.95 -22.56
CA GLY B 48 -25.25 -4.98 -23.44
C GLY B 48 -24.63 -6.33 -23.17
N GLN B 49 -25.19 -7.31 -23.86
CA GLN B 49 -25.09 -8.73 -23.51
C GLN B 49 -23.67 -9.29 -23.59
N MET B 50 -22.74 -8.68 -22.88
CA MET B 50 -21.37 -9.14 -22.93
C MET B 50 -21.25 -10.48 -22.20
N GLN B 51 -20.52 -11.42 -22.81
CA GLN B 51 -20.09 -12.58 -22.05
C GLN B 51 -19.15 -12.09 -20.94
N PRO B 52 -19.30 -12.60 -19.72
CA PRO B 52 -18.38 -12.17 -18.66
C PRO B 52 -16.94 -12.40 -19.10
N VAL B 53 -16.03 -11.61 -18.56
CA VAL B 53 -14.63 -11.73 -18.88
C VAL B 53 -13.84 -12.01 -17.60
N LYS B 54 -12.79 -12.81 -17.71
CA LYS B 54 -11.96 -13.11 -16.56
C LYS B 54 -11.12 -11.89 -16.21
N ALA B 55 -11.09 -11.55 -14.93
CA ALA B 55 -10.43 -10.34 -14.47
C ALA B 55 -9.74 -10.61 -13.14
N PHE B 56 -8.82 -9.71 -12.81
CA PHE B 56 -7.86 -9.88 -11.73
C PHE B 56 -7.83 -8.60 -10.91
N LYS B 57 -8.03 -8.72 -9.62
CA LYS B 57 -8.08 -7.56 -8.74
C LYS B 57 -6.66 -7.35 -8.21
N ILE B 58 -5.97 -6.35 -8.77
CA ILE B 58 -4.59 -6.18 -8.41
C ILE B 58 -4.38 -5.35 -7.14
N HIS B 59 -5.38 -4.60 -6.71
CA HIS B 59 -5.31 -3.73 -5.53
C HIS B 59 -6.72 -3.38 -5.16
N ASN B 60 -6.94 -2.97 -3.92
CA ASN B 60 -8.21 -2.37 -3.52
C ASN B 60 -8.60 -1.35 -4.58
N LYS B 61 -9.81 -1.49 -5.11
CA LYS B 61 -10.43 -0.59 -6.08
C LYS B 61 -9.85 -0.64 -7.48
N ILE B 62 -8.97 -1.61 -7.81
CA ILE B 62 -8.36 -1.66 -9.12
C ILE B 62 -8.38 -3.08 -9.68
N TRP B 63 -8.95 -3.23 -10.87
CA TRP B 63 -8.99 -4.51 -11.58
C TRP B 63 -8.33 -4.40 -12.95
N VAL B 64 -7.82 -5.54 -13.43
CA VAL B 64 -7.20 -5.63 -14.74
C VAL B 64 -7.99 -6.68 -15.54
N ILE B 65 -8.38 -6.30 -16.74
CA ILE B 65 -9.09 -7.17 -17.68
C ILE B 65 -8.19 -7.39 -18.89
N PRO B 66 -7.52 -8.54 -18.97
CA PRO B 66 -6.59 -8.78 -20.09
C PRO B 66 -7.32 -9.27 -21.34
N GLU B 67 -8.19 -8.39 -21.84
CA GLU B 67 -8.98 -8.62 -23.05
C GLU B 67 -8.92 -7.34 -23.86
N ARG B 68 -9.11 -7.49 -25.17
CA ARG B 68 -9.38 -6.32 -26.01
C ARG B 68 -10.72 -5.70 -25.60
N ASP B 69 -10.76 -4.36 -25.56
CA ASP B 69 -11.98 -3.68 -25.15
C ASP B 69 -12.95 -3.69 -26.31
N THR B 70 -13.77 -4.73 -26.36
CA THR B 70 -14.94 -4.72 -27.21
C THR B 70 -16.20 -4.40 -26.43
N PHE B 71 -16.08 -3.96 -25.18
CA PHE B 71 -17.23 -3.86 -24.28
C PHE B 71 -17.60 -2.45 -23.86
N THR B 72 -16.63 -1.56 -23.66
CA THR B 72 -16.98 -0.28 -23.07
C THR B 72 -17.77 0.58 -24.04
N ASN B 73 -17.61 0.37 -25.35
CA ASN B 73 -18.33 1.14 -26.32
C ASN B 73 -19.14 0.22 -27.22
N PRO B 74 -20.48 0.36 -27.24
CA PRO B 74 -21.28 -0.46 -28.17
C PRO B 74 -20.82 -0.40 -29.63
N GLU B 75 -20.64 0.81 -30.18
CA GLU B 75 -20.24 1.01 -31.57
C GLU B 75 -18.75 0.68 -31.84
N GLU B 76 -18.02 0.10 -30.87
CA GLU B 76 -16.72 -0.49 -31.11
C GLU B 76 -16.71 -1.93 -30.56
N GLY B 77 -17.55 -2.78 -31.15
CA GLY B 77 -17.66 -4.16 -30.74
C GLY B 77 -16.81 -5.13 -31.53
N ASP B 78 -15.99 -4.63 -32.48
CA ASP B 78 -15.21 -5.49 -33.34
C ASP B 78 -13.82 -4.89 -33.55
N LEU B 79 -12.87 -5.76 -33.92
CA LEU B 79 -11.47 -5.40 -33.98
C LEU B 79 -10.96 -5.24 -35.40
N ASN B 80 -11.84 -5.28 -36.37
CA ASN B 80 -11.44 -5.05 -37.75
C ASN B 80 -11.16 -3.57 -38.00
N PRO B 81 -10.20 -3.28 -38.87
CA PRO B 81 -9.92 -1.88 -39.22
C PRO B 81 -11.05 -1.18 -39.94
N VAL B 90 -1.75 7.57 -37.88
CA VAL B 90 -0.94 6.88 -36.89
C VAL B 90 -1.77 5.89 -36.06
N SER B 91 -1.88 4.65 -36.52
CA SER B 91 -2.64 3.63 -35.82
C SER B 91 -2.06 2.28 -36.19
N TYR B 92 -2.53 1.24 -35.52
CA TYR B 92 -2.03 -0.12 -35.74
C TYR B 92 -3.13 -1.13 -35.42
N TYR B 93 -3.35 -2.06 -36.35
CA TYR B 93 -4.46 -2.99 -36.26
C TYR B 93 -3.98 -4.43 -36.30
N ASP B 94 -4.55 -5.25 -35.40
CA ASP B 94 -4.27 -6.70 -35.44
C ASP B 94 -5.38 -7.37 -34.61
N SER B 95 -6.38 -7.92 -35.28
CA SER B 95 -7.49 -8.51 -34.54
C SER B 95 -7.08 -9.74 -33.76
N THR B 96 -5.87 -10.25 -33.98
CA THR B 96 -5.29 -11.42 -33.32
C THR B 96 -4.58 -11.10 -32.01
N TYR B 97 -4.16 -9.86 -31.81
CA TYR B 97 -3.45 -9.53 -30.57
C TYR B 97 -4.36 -9.71 -29.35
N LEU B 98 -3.82 -10.44 -28.36
CA LEU B 98 -4.44 -10.68 -27.07
C LEU B 98 -5.64 -11.61 -27.18
N SER B 99 -5.52 -12.66 -27.98
CA SER B 99 -6.55 -13.68 -28.15
C SER B 99 -6.11 -15.07 -27.70
N THR B 100 -5.01 -15.19 -26.97
CA THR B 100 -4.61 -16.47 -26.40
C THR B 100 -4.29 -16.31 -24.92
N ASP B 101 -4.34 -17.44 -24.20
CA ASP B 101 -4.03 -17.41 -22.78
C ASP B 101 -2.61 -16.92 -22.53
N ASN B 102 -1.64 -17.33 -23.34
CA ASN B 102 -0.27 -16.87 -23.08
C ASN B 102 -0.13 -15.37 -23.23
N GLU B 103 -0.86 -14.77 -24.17
CA GLU B 103 -0.78 -13.33 -24.35
C GLU B 103 -1.45 -12.62 -23.21
N LYS B 104 -2.59 -13.15 -22.76
CA LYS B 104 -3.26 -12.52 -21.63
C LYS B 104 -2.43 -12.66 -20.36
N ASP B 105 -1.75 -13.79 -20.19
CA ASP B 105 -0.83 -13.94 -19.07
C ASP B 105 0.31 -12.92 -19.14
N ASN B 106 0.90 -12.75 -20.33
CA ASN B 106 1.98 -11.78 -20.45
C ASN B 106 1.48 -10.35 -20.26
N TYR B 107 0.26 -10.06 -20.73
CA TYR B 107 -0.35 -8.75 -20.52
C TYR B 107 -0.51 -8.46 -19.05
N LEU B 108 -1.07 -9.41 -18.32
CA LEU B 108 -1.27 -9.25 -16.88
C LEU B 108 0.04 -9.00 -16.14
N LYS B 109 1.09 -9.74 -16.49
CA LYS B 109 2.37 -9.59 -15.83
C LYS B 109 3.07 -8.30 -16.23
N GLY B 110 2.91 -7.85 -17.47
CA GLY B 110 3.46 -6.57 -17.87
C GLY B 110 2.78 -5.42 -17.15
N VAL B 111 1.44 -5.43 -17.09
CA VAL B 111 0.72 -4.37 -16.38
C VAL B 111 1.15 -4.36 -14.92
N THR B 112 1.19 -5.55 -14.29
CA THR B 112 1.65 -5.69 -12.91
C THR B 112 3.03 -5.04 -12.74
N LYS B 113 3.97 -5.39 -13.62
CA LYS B 113 5.32 -4.87 -13.50
C LYS B 113 5.34 -3.36 -13.61
N LEU B 114 4.55 -2.78 -14.53
CA LEU B 114 4.54 -1.35 -14.66
C LEU B 114 3.95 -0.65 -13.42
N PHE B 115 2.91 -1.22 -12.82
CA PHE B 115 2.43 -0.66 -11.57
C PHE B 115 3.52 -0.69 -10.51
N GLU B 116 4.28 -1.78 -10.42
CA GLU B 116 5.35 -1.84 -9.41
C GLU B 116 6.45 -0.83 -9.74
N ARG B 117 6.73 -0.64 -11.03
CA ARG B 117 7.68 0.38 -11.46
C ARG B 117 7.20 1.77 -11.09
N ILE B 118 5.93 2.07 -11.33
CA ILE B 118 5.41 3.37 -10.93
C ILE B 118 5.48 3.53 -9.42
N TYR B 119 5.14 2.48 -8.68
CA TYR B 119 5.13 2.58 -7.23
C TYR B 119 6.54 2.64 -6.64
N SER B 120 7.58 2.32 -7.44
CA SER B 120 8.95 2.44 -6.95
C SER B 120 9.42 3.88 -6.86
N THR B 121 8.68 4.83 -7.41
CA THR B 121 9.00 6.24 -7.26
C THR B 121 8.08 6.90 -6.23
N ASP B 122 8.60 7.92 -5.56
CA ASP B 122 7.77 8.67 -4.63
C ASP B 122 6.55 9.26 -5.33
N LEU B 123 6.73 9.80 -6.52
CA LEU B 123 5.61 10.40 -7.23
C LEU B 123 4.54 9.37 -7.57
N GLY B 124 4.98 8.17 -7.96
CA GLY B 124 4.02 7.12 -8.27
C GLY B 124 3.26 6.63 -7.04
N ARG B 125 3.93 6.57 -5.89
CA ARG B 125 3.21 6.17 -4.68
C ARG B 125 2.18 7.23 -4.31
N MET B 126 2.55 8.49 -4.47
CA MET B 126 1.61 9.58 -4.23
C MET B 126 0.42 9.47 -5.16
N LEU B 127 0.68 9.37 -6.46
CA LEU B 127 -0.42 9.27 -7.42
C LEU B 127 -1.29 8.06 -7.17
N LEU B 128 -0.66 6.89 -6.93
CA LEU B 128 -1.49 5.68 -6.82
C LEU B 128 -2.30 5.72 -5.53
N THR B 129 -1.76 6.31 -4.47
CA THR B 129 -2.53 6.52 -3.25
C THR B 129 -3.71 7.44 -3.52
N SER B 130 -3.47 8.56 -4.19
CA SER B 130 -4.57 9.48 -4.51
C SER B 130 -5.67 8.77 -5.30
N ILE B 131 -5.29 7.87 -6.20
CA ILE B 131 -6.25 7.19 -7.04
C ILE B 131 -7.08 6.24 -6.21
N VAL B 132 -6.46 5.48 -5.30
CA VAL B 132 -7.22 4.52 -4.51
C VAL B 132 -8.15 5.24 -3.53
N ARG B 133 -7.72 6.38 -3.00
CA ARG B 133 -8.59 7.18 -2.15
C ARG B 133 -9.73 7.84 -2.92
N GLY B 134 -9.63 7.98 -4.24
CA GLY B 134 -10.57 8.78 -5.00
C GLY B 134 -11.87 8.08 -5.35
N ILE B 135 -12.50 7.47 -4.36
CA ILE B 135 -13.74 6.72 -4.61
C ILE B 135 -14.78 7.63 -5.28
N PRO B 136 -15.42 7.20 -6.35
CA PRO B 136 -16.52 8.01 -6.93
C PRO B 136 -17.64 8.30 -5.93
N PHE B 137 -18.08 9.56 -5.92
CA PHE B 137 -19.04 10.00 -4.93
C PHE B 137 -20.37 9.27 -5.08
N TRP B 138 -21.02 9.04 -3.92
CA TRP B 138 -22.36 8.46 -3.86
C TRP B 138 -23.39 9.56 -4.10
N GLY B 139 -23.45 10.02 -5.33
CA GLY B 139 -24.41 11.04 -5.70
C GLY B 139 -25.56 10.53 -6.55
N GLY B 140 -25.97 9.28 -6.38
CA GLY B 140 -26.96 8.65 -7.21
C GLY B 140 -28.41 8.89 -6.87
N SER B 141 -28.71 9.56 -5.75
CA SER B 141 -30.08 9.66 -5.27
C SER B 141 -30.77 10.93 -5.74
N THR B 142 -32.07 10.80 -6.07
CA THR B 142 -32.93 11.92 -6.40
C THR B 142 -33.41 12.65 -5.15
N ILE B 143 -33.03 12.18 -3.97
CA ILE B 143 -33.42 12.78 -2.69
C ILE B 143 -32.15 13.37 -2.08
N ASP B 144 -32.22 14.65 -1.71
CA ASP B 144 -31.01 15.40 -1.41
C ASP B 144 -30.44 15.09 -0.03
N THR B 145 -31.18 14.35 0.78
CA THR B 145 -30.74 13.94 2.10
C THR B 145 -30.30 12.49 2.16
N GLU B 146 -30.20 11.82 1.01
CA GLU B 146 -29.97 10.38 0.92
C GLU B 146 -28.73 10.14 0.08
N LEU B 147 -27.80 9.33 0.61
CA LEU B 147 -26.62 8.95 -0.13
C LEU B 147 -26.88 7.65 -0.86
N LYS B 148 -26.51 7.59 -2.13
CA LYS B 148 -26.77 6.44 -2.98
C LYS B 148 -25.59 6.28 -3.94
N VAL B 149 -25.09 5.04 -4.04
CA VAL B 149 -24.09 4.75 -5.07
C VAL B 149 -24.67 5.08 -6.45
N ILE B 150 -23.77 5.18 -7.43
CA ILE B 150 -24.14 5.28 -8.84
C ILE B 150 -23.71 3.99 -9.53
N ASP B 151 -24.67 3.34 -10.20
CA ASP B 151 -24.53 1.95 -10.63
C ASP B 151 -23.34 1.75 -11.53
N THR B 152 -23.06 2.74 -12.38
CA THR B 152 -21.96 2.60 -13.34
C THR B 152 -20.60 2.80 -12.71
N ASN B 153 -20.52 3.13 -11.41
CA ASN B 153 -19.25 3.11 -10.70
C ASN B 153 -18.98 1.76 -10.06
N CYS B 154 -19.57 0.69 -10.62
CA CYS B 154 -19.47 -0.67 -10.11
C CYS B 154 -19.20 -1.66 -11.23
N ILE B 155 -18.79 -2.86 -10.85
CA ILE B 155 -18.76 -4.01 -11.74
C ILE B 155 -19.54 -5.11 -11.05
N ASN B 156 -20.02 -6.06 -11.84
CA ASN B 156 -20.73 -7.23 -11.33
C ASN B 156 -19.79 -8.41 -11.33
N VAL B 157 -19.51 -8.89 -10.14
CA VAL B 157 -18.53 -9.94 -9.92
C VAL B 157 -19.30 -11.25 -9.84
N ILE B 158 -19.01 -12.16 -10.75
CA ILE B 158 -19.76 -13.42 -10.79
C ILE B 158 -19.13 -14.41 -9.81
N GLN B 159 -19.97 -14.97 -8.96
CA GLN B 159 -19.58 -15.85 -7.87
C GLN B 159 -19.61 -17.30 -8.34
N PRO B 160 -18.61 -18.11 -7.91
CA PRO B 160 -18.57 -19.52 -8.36
C PRO B 160 -19.92 -20.22 -8.25
N ASP B 161 -20.84 -19.73 -7.43
CA ASP B 161 -22.14 -20.36 -7.22
C ASP B 161 -23.26 -19.83 -8.15
N GLY B 162 -22.92 -19.00 -9.13
CA GLY B 162 -23.90 -18.52 -10.09
C GLY B 162 -24.37 -17.08 -9.90
N SER B 163 -24.57 -16.69 -8.63
CA SER B 163 -25.07 -15.35 -8.31
C SER B 163 -24.01 -14.27 -8.57
N TYR B 164 -24.50 -13.03 -8.69
CA TYR B 164 -23.67 -11.85 -8.89
C TYR B 164 -23.29 -11.23 -7.55
N ARG B 165 -22.36 -10.30 -7.60
CA ARG B 165 -22.09 -9.39 -6.48
C ARG B 165 -21.69 -8.07 -7.12
N SER B 166 -22.37 -6.99 -6.78
CA SER B 166 -21.97 -5.64 -7.21
C SER B 166 -20.83 -5.13 -6.35
N GLU B 167 -19.76 -4.67 -7.00
CA GLU B 167 -18.55 -4.23 -6.30
C GLU B 167 -18.15 -2.86 -6.84
N GLU B 168 -18.04 -1.88 -5.96
CA GLU B 168 -17.48 -0.60 -6.32
C GLU B 168 -16.00 -0.73 -6.66
N LEU B 169 -15.55 0.10 -7.60
CA LEU B 169 -14.15 0.17 -7.97
C LEU B 169 -13.87 1.54 -8.57
N ASN B 170 -12.59 1.87 -8.59
CA ASN B 170 -12.12 3.14 -9.08
C ASN B 170 -11.53 3.05 -10.47
N LEU B 171 -10.92 1.91 -10.82
CA LEU B 171 -10.06 1.86 -11.98
C LEU B 171 -10.01 0.46 -12.58
N VAL B 172 -10.18 0.38 -13.89
CA VAL B 172 -10.03 -0.85 -14.65
C VAL B 172 -8.95 -0.60 -15.71
N ILE B 173 -7.99 -1.52 -15.81
CA ILE B 173 -7.05 -1.52 -16.93
C ILE B 173 -7.50 -2.61 -17.89
N ILE B 174 -7.64 -2.26 -19.16
CA ILE B 174 -8.15 -3.18 -20.15
C ILE B 174 -7.38 -3.00 -21.44
N GLY B 175 -7.34 -4.06 -22.23
CA GLY B 175 -6.65 -3.99 -23.50
C GLY B 175 -7.28 -3.00 -24.46
N PRO B 176 -6.53 -2.60 -25.47
CA PRO B 176 -7.08 -1.66 -26.45
C PRO B 176 -8.19 -2.27 -27.31
N SER B 177 -8.98 -1.37 -27.91
CA SER B 177 -9.98 -1.79 -28.86
C SER B 177 -9.30 -2.06 -30.20
N ALA B 178 -9.98 -1.78 -31.30
CA ALA B 178 -9.47 -2.13 -32.62
C ALA B 178 -8.11 -1.50 -32.87
N ASP B 179 -7.96 -0.22 -32.56
CA ASP B 179 -6.70 0.49 -32.70
C ASP B 179 -5.85 0.17 -31.48
N ILE B 180 -4.84 -0.69 -31.68
CA ILE B 180 -4.03 -1.21 -30.59
C ILE B 180 -3.31 -0.11 -29.84
N ILE B 181 -2.96 0.97 -30.53
CA ILE B 181 -2.12 2.01 -29.92
C ILE B 181 -2.91 3.23 -29.50
N GLN B 182 -4.24 3.17 -29.55
CA GLN B 182 -5.09 4.27 -29.05
C GLN B 182 -5.33 4.09 -27.56
N PHE B 183 -4.42 4.59 -26.74
CA PHE B 183 -4.56 4.47 -25.30
C PHE B 183 -5.37 5.66 -24.79
N GLU B 184 -6.23 5.42 -23.81
CA GLU B 184 -7.06 6.51 -23.32
C GLU B 184 -7.71 6.10 -22.00
N CYS B 185 -8.25 7.10 -21.33
CA CYS B 185 -8.88 6.95 -20.04
C CYS B 185 -10.30 7.41 -20.25
N LYS B 186 -11.25 6.51 -20.16
CA LYS B 186 -12.64 6.84 -20.47
C LYS B 186 -13.52 6.33 -19.33
N SER B 187 -14.76 6.80 -19.33
CA SER B 187 -15.64 6.47 -18.22
C SER B 187 -17.08 6.65 -18.67
N PHE B 188 -17.99 6.00 -17.93
CA PHE B 188 -19.41 6.07 -18.25
C PHE B 188 -20.03 7.33 -17.69
N GLY B 189 -20.92 7.90 -18.49
CA GLY B 189 -21.58 9.13 -18.16
C GLY B 189 -22.86 8.91 -17.40
N HIS B 190 -23.48 10.02 -17.04
CA HIS B 190 -24.74 10.07 -16.33
C HIS B 190 -25.69 10.91 -17.16
N GLU B 191 -27.00 10.65 -17.03
CA GLU B 191 -27.95 11.30 -17.91
C GLU B 191 -27.95 12.81 -17.73
N VAL B 192 -27.71 13.28 -16.50
CA VAL B 192 -27.70 14.70 -16.20
C VAL B 192 -26.42 15.17 -15.53
N LEU B 193 -25.66 14.30 -14.86
CA LEU B 193 -24.46 14.73 -14.17
C LEU B 193 -23.24 14.59 -15.07
N ASN B 194 -22.32 15.55 -14.93
CA ASN B 194 -21.00 15.45 -15.57
C ASN B 194 -20.01 15.02 -14.51
N LEU B 195 -19.94 13.70 -14.30
CA LEU B 195 -19.24 13.16 -13.14
C LEU B 195 -17.75 13.43 -13.17
N THR B 196 -17.13 13.49 -14.33
CA THR B 196 -15.69 13.81 -14.34
C THR B 196 -15.42 15.30 -14.22
N ARG B 197 -16.47 16.15 -14.13
CA ARG B 197 -16.28 17.59 -14.13
C ARG B 197 -17.13 18.33 -13.11
N ASN B 198 -17.74 17.61 -12.15
CA ASN B 198 -18.52 18.21 -11.08
C ASN B 198 -18.01 17.80 -9.70
N GLY B 199 -16.75 17.32 -9.61
CA GLY B 199 -16.19 16.92 -8.33
C GLY B 199 -16.56 15.54 -7.83
N TYR B 200 -17.53 14.88 -8.45
CA TYR B 200 -17.98 13.57 -7.98
C TYR B 200 -16.99 12.47 -8.32
N GLY B 201 -16.57 12.41 -9.57
CA GLY B 201 -15.73 11.31 -10.01
C GLY B 201 -16.54 10.11 -10.48
N SER B 202 -15.91 9.29 -11.30
CA SER B 202 -16.56 8.09 -11.79
C SER B 202 -15.48 7.03 -11.98
N THR B 203 -15.90 5.78 -12.08
CA THR B 203 -14.95 4.71 -12.34
C THR B 203 -14.30 4.89 -13.71
N GLN B 204 -12.98 4.79 -13.76
CA GLN B 204 -12.21 5.00 -14.97
C GLN B 204 -11.70 3.70 -15.59
N TYR B 205 -11.81 3.62 -16.91
CA TYR B 205 -11.37 2.50 -17.74
C TYR B 205 -10.20 3.00 -18.60
N ILE B 206 -9.03 2.42 -18.43
CA ILE B 206 -7.85 2.78 -19.21
C ILE B 206 -7.61 1.70 -20.22
N ARG B 207 -7.77 2.02 -21.50
CA ARG B 207 -7.31 1.16 -22.57
C ARG B 207 -5.80 1.31 -22.69
N PHE B 208 -5.07 0.20 -22.57
CA PHE B 208 -3.62 0.24 -22.51
C PHE B 208 -3.06 -1.11 -22.88
N SER B 209 -1.91 -1.10 -23.56
CA SER B 209 -1.16 -2.32 -23.82
C SER B 209 0.28 -2.12 -23.33
N PRO B 210 0.79 -3.03 -22.49
CA PRO B 210 2.22 -3.08 -22.20
C PRO B 210 3.07 -3.68 -23.32
N ASP B 211 2.45 -4.18 -24.40
CA ASP B 211 3.11 -5.03 -25.39
C ASP B 211 3.59 -4.24 -26.62
N PHE B 212 3.30 -2.95 -26.64
CA PHE B 212 3.68 -2.01 -27.68
C PHE B 212 4.09 -0.70 -27.05
N THR B 213 4.93 0.05 -27.77
CA THR B 213 5.22 1.41 -27.41
C THR B 213 5.53 2.16 -28.70
N PHE B 214 5.80 3.46 -28.57
CA PHE B 214 5.98 4.32 -29.71
C PHE B 214 7.28 5.11 -29.60
N GLY B 215 7.79 5.53 -30.79
CA GLY B 215 9.08 6.18 -30.85
C GLY B 215 8.98 7.71 -30.83
N PHE B 216 10.13 8.34 -30.60
CA PHE B 216 10.33 9.78 -30.70
C PHE B 216 11.81 10.00 -30.98
N GLU B 217 12.15 11.24 -31.35
CA GLU B 217 13.50 11.66 -31.67
C GLU B 217 13.97 12.81 -30.78
N GLU B 218 15.26 12.82 -30.48
CA GLU B 218 15.80 13.90 -29.67
C GLU B 218 16.37 14.97 -30.59
N SER B 219 16.60 16.15 -30.00
CA SER B 219 17.08 17.31 -30.76
C SER B 219 18.44 17.02 -31.39
N PRO B 226 25.28 14.93 -25.35
CA PRO B 226 25.71 15.25 -26.72
C PRO B 226 25.73 13.99 -27.59
N LEU B 227 25.79 12.82 -26.94
CA LEU B 227 25.73 11.55 -27.64
C LEU B 227 24.31 11.13 -27.98
N LEU B 228 23.30 11.85 -27.46
CA LEU B 228 21.92 11.56 -27.79
C LEU B 228 21.45 12.26 -29.05
N GLY B 229 22.23 13.22 -29.56
CA GLY B 229 21.85 13.99 -30.74
C GLY B 229 21.32 13.18 -31.90
N ALA B 230 20.02 13.35 -32.18
CA ALA B 230 19.34 12.75 -33.34
C ALA B 230 19.21 11.24 -33.24
N GLY B 231 19.20 10.68 -32.03
CA GLY B 231 18.90 9.26 -31.89
C GLY B 231 17.40 9.01 -31.93
N LYS B 232 17.05 7.78 -32.33
CA LYS B 232 15.67 7.30 -32.36
C LYS B 232 15.39 6.47 -31.11
N PHE B 233 14.47 6.94 -30.28
CA PHE B 233 14.24 6.33 -28.99
C PHE B 233 12.81 5.83 -28.86
N ALA B 234 12.61 4.96 -27.87
CA ALA B 234 11.29 4.45 -27.55
C ALA B 234 10.81 5.01 -26.22
N THR B 235 9.52 5.33 -26.18
CA THR B 235 8.87 5.74 -24.95
C THR B 235 8.79 4.59 -23.96
N ASP B 236 9.18 4.87 -22.72
CA ASP B 236 9.07 3.87 -21.66
C ASP B 236 7.58 3.68 -21.34
N PRO B 237 7.03 2.47 -21.43
CA PRO B 237 5.59 2.31 -21.20
C PRO B 237 5.14 2.62 -19.79
N ALA B 238 6.06 2.66 -18.83
CA ALA B 238 5.70 3.13 -17.49
C ALA B 238 5.27 4.58 -17.51
N VAL B 239 5.92 5.36 -18.39
CA VAL B 239 5.53 6.77 -18.57
C VAL B 239 4.15 6.85 -19.20
N THR B 240 3.90 6.01 -20.20
CA THR B 240 2.62 6.06 -20.89
C THR B 240 1.49 5.69 -19.94
N LEU B 241 1.69 4.65 -19.17
CA LEU B 241 0.68 4.26 -18.20
C LEU B 241 0.48 5.35 -17.15
N ALA B 242 1.58 5.90 -16.62
CA ALA B 242 1.45 7.01 -15.66
C ALA B 242 0.62 8.15 -16.25
N HIS B 243 0.86 8.49 -17.52
CA HIS B 243 0.04 9.49 -18.21
C HIS B 243 -1.45 9.19 -18.10
N GLU B 244 -1.85 7.95 -18.41
CA GLU B 244 -3.28 7.62 -18.35
C GLU B 244 -3.76 7.61 -16.92
N LEU B 245 -2.90 7.21 -15.98
CA LEU B 245 -3.27 7.25 -14.58
C LEU B 245 -3.47 8.68 -14.10
N ILE B 246 -2.71 9.65 -14.65
CA ILE B 246 -2.91 11.05 -14.29
C ILE B 246 -4.28 11.54 -14.71
N HIS B 247 -4.68 11.23 -15.96
CA HIS B 247 -6.06 11.48 -16.38
C HIS B 247 -7.05 10.86 -15.39
N ALA B 248 -6.79 9.62 -15.00
CA ALA B 248 -7.72 8.94 -14.11
C ALA B 248 -7.83 9.70 -12.82
N GLY B 249 -6.72 10.24 -12.34
CA GLY B 249 -6.76 11.03 -11.13
C GLY B 249 -7.65 12.23 -11.26
N HIS B 250 -7.48 12.99 -12.36
CA HIS B 250 -8.35 14.14 -12.57
C HIS B 250 -9.81 13.73 -12.57
N ARG B 251 -10.12 12.60 -13.22
CA ARG B 251 -11.50 12.26 -13.51
C ARG B 251 -12.17 11.62 -12.30
N LEU B 252 -11.37 10.95 -11.47
CA LEU B 252 -11.87 10.39 -10.23
C LEU B 252 -12.21 11.47 -9.21
N TYR B 253 -11.48 12.60 -9.21
CA TYR B 253 -11.81 13.71 -8.34
C TYR B 253 -12.73 14.72 -9.03
N GLY B 254 -13.22 14.36 -10.21
CA GLY B 254 -14.18 15.18 -10.93
C GLY B 254 -13.66 16.56 -11.28
N ILE B 255 -12.38 16.66 -11.61
CA ILE B 255 -11.82 17.95 -11.99
C ILE B 255 -11.19 17.94 -13.39
N ALA B 256 -11.65 17.07 -14.27
CA ALA B 256 -11.13 17.04 -15.63
C ALA B 256 -11.56 18.29 -16.37
N ILE B 257 -10.78 18.69 -17.40
CA ILE B 257 -11.12 19.85 -18.19
C ILE B 257 -11.89 19.38 -19.41
N ASN B 258 -13.02 20.00 -19.66
CA ASN B 258 -13.89 19.58 -20.75
C ASN B 258 -13.07 19.41 -22.03
N PRO B 259 -13.12 18.23 -22.68
CA PRO B 259 -12.31 18.04 -23.88
C PRO B 259 -12.63 19.00 -25.03
N ASN B 260 -13.67 19.85 -24.92
CA ASN B 260 -13.89 20.86 -25.96
C ASN B 260 -13.07 22.13 -25.72
N ARG B 261 -12.33 22.23 -24.63
CA ARG B 261 -11.38 23.31 -24.41
C ARG B 261 -10.05 22.87 -25.01
N VAL B 262 -9.63 23.48 -26.13
CA VAL B 262 -8.48 23.00 -26.89
C VAL B 262 -7.40 24.03 -27.20
N GLU B 277 -5.32 20.94 -33.04
CA GLU B 277 -5.84 21.21 -31.69
C GLU B 277 -5.50 20.11 -30.69
N VAL B 278 -4.97 20.55 -29.55
CA VAL B 278 -4.66 19.70 -28.41
C VAL B 278 -5.49 20.20 -27.24
N SER B 279 -6.18 19.28 -26.58
CA SER B 279 -7.05 19.64 -25.47
C SER B 279 -6.24 20.14 -24.27
N PHE B 280 -6.79 21.16 -23.58
CA PHE B 280 -6.13 21.61 -22.36
C PHE B 280 -5.88 20.41 -21.44
N GLU B 281 -6.84 19.47 -21.38
CA GLU B 281 -6.69 18.32 -20.49
C GLU B 281 -5.43 17.52 -20.82
N GLU B 282 -5.10 17.41 -22.12
CA GLU B 282 -3.87 16.73 -22.51
C GLU B 282 -2.63 17.55 -22.17
N LEU B 283 -2.66 18.86 -22.45
CA LEU B 283 -1.51 19.71 -22.15
C LEU B 283 -1.17 19.70 -20.67
N ARG B 284 -2.18 19.73 -19.81
N ARG B 284 -2.19 19.75 -19.82
CA ARG B 284 -1.93 19.71 -18.38
CA ARG B 284 -2.00 19.70 -18.37
C ARG B 284 -1.40 18.36 -17.94
C ARG B 284 -1.40 18.36 -17.95
N THR B 285 -1.93 17.26 -18.50
CA THR B 285 -1.47 15.94 -18.12
C THR B 285 -0.02 15.71 -18.55
N PHE B 286 0.34 16.19 -19.75
CA PHE B 286 1.72 16.09 -20.18
C PHE B 286 2.63 16.98 -19.34
N GLY B 287 2.19 18.20 -19.05
CA GLY B 287 2.98 19.09 -18.23
C GLY B 287 4.18 19.65 -18.97
N GLY B 288 5.26 19.90 -18.24
CA GLY B 288 6.43 20.54 -18.81
C GLY B 288 6.10 21.90 -19.42
N HIS B 289 6.84 22.28 -20.46
CA HIS B 289 6.60 23.59 -21.08
C HIS B 289 5.23 23.65 -21.77
N ASP B 290 4.73 22.51 -22.24
CA ASP B 290 3.44 22.48 -22.92
C ASP B 290 2.33 23.13 -22.09
N ALA B 291 2.33 22.88 -20.78
CA ALA B 291 1.25 23.40 -19.94
C ALA B 291 1.30 24.93 -19.82
N LYS B 292 2.36 25.59 -20.29
CA LYS B 292 2.40 27.04 -20.30
C LYS B 292 1.48 27.63 -21.35
N PHE B 293 0.82 26.82 -22.16
CA PHE B 293 -0.13 27.33 -23.14
C PHE B 293 -1.51 27.58 -22.52
N ILE B 294 -1.90 26.77 -21.52
CA ILE B 294 -3.07 27.14 -20.72
C ILE B 294 -2.77 28.43 -19.97
N ASP B 295 -3.51 29.48 -20.28
CA ASP B 295 -3.33 30.75 -19.57
C ASP B 295 -3.72 30.68 -18.09
N GLN B 298 -7.37 31.51 -17.22
CA GLN B 298 -8.32 30.43 -17.47
C GLN B 298 -8.10 29.24 -16.53
N GLU B 299 -6.84 28.97 -16.19
CA GLU B 299 -6.54 27.97 -15.18
C GLU B 299 -7.17 28.34 -13.84
N ASN B 300 -7.14 29.62 -13.48
CA ASN B 300 -7.68 30.04 -12.19
C ASN B 300 -9.19 29.88 -12.12
N GLU B 301 -9.87 29.98 -13.26
CA GLU B 301 -11.31 29.80 -13.28
C GLU B 301 -11.65 28.37 -12.90
N PHE B 302 -10.96 27.40 -13.49
CA PHE B 302 -11.16 26.01 -13.12
C PHE B 302 -10.97 25.82 -11.63
N ARG B 303 -9.93 26.43 -11.07
CA ARG B 303 -9.62 26.19 -9.66
C ARG B 303 -10.78 26.66 -8.80
N LEU B 304 -11.27 27.88 -9.06
CA LEU B 304 -12.38 28.44 -8.31
C LEU B 304 -13.63 27.59 -8.47
N TYR B 305 -13.93 27.18 -9.69
CA TYR B 305 -15.10 26.36 -9.96
C TYR B 305 -15.09 25.07 -9.15
N TYR B 306 -13.97 24.34 -9.16
CA TYR B 306 -13.94 23.03 -8.49
C TYR B 306 -13.85 23.18 -6.98
N TYR B 307 -13.21 24.24 -6.49
CA TYR B 307 -13.33 24.58 -5.08
C TYR B 307 -14.80 24.61 -4.67
N ASN B 308 -15.61 25.29 -5.47
CA ASN B 308 -17.04 25.41 -5.20
C ASN B 308 -17.77 24.09 -5.35
N LYS B 309 -17.35 23.26 -6.33
CA LYS B 309 -17.92 21.91 -6.41
C LYS B 309 -17.60 21.08 -5.15
N PHE B 310 -16.37 21.18 -4.64
CA PHE B 310 -16.05 20.50 -3.39
C PHE B 310 -16.87 21.05 -2.23
N LYS B 311 -17.14 22.36 -2.22
CA LYS B 311 -18.03 22.91 -1.20
C LYS B 311 -19.42 22.31 -1.31
N ASP B 312 -19.93 22.18 -2.53
CA ASP B 312 -21.25 21.57 -2.69
C ASP B 312 -21.23 20.14 -2.14
N ILE B 313 -20.14 19.41 -2.36
CA ILE B 313 -20.04 18.05 -1.85
C ILE B 313 -20.05 18.05 -0.32
N ALA B 314 -19.26 18.93 0.28
CA ALA B 314 -19.26 19.03 1.75
C ALA B 314 -20.67 19.28 2.28
N SER B 315 -21.37 20.23 1.72
CA SER B 315 -22.69 20.51 2.29
C SER B 315 -23.66 19.38 1.99
N THR B 316 -23.53 18.70 0.84
CA THR B 316 -24.36 17.51 0.61
C THR B 316 -24.11 16.46 1.69
N LEU B 317 -22.85 16.22 2.04
CA LEU B 317 -22.56 15.29 3.13
C LEU B 317 -23.20 15.77 4.41
N ASN B 318 -23.15 17.08 4.67
CA ASN B 318 -23.71 17.61 5.92
C ASN B 318 -25.22 17.38 6.02
N LYS B 319 -25.92 17.41 4.88
CA LYS B 319 -27.37 17.20 4.85
C LYS B 319 -27.74 15.72 4.89
N ALA B 320 -26.80 14.81 4.66
CA ALA B 320 -27.14 13.40 4.54
C ALA B 320 -27.66 12.83 5.85
N LYS B 321 -28.86 12.24 5.82
CA LYS B 321 -29.43 11.56 6.99
C LYS B 321 -29.61 10.06 6.82
N SER B 322 -29.64 9.55 5.58
CA SER B 322 -29.84 8.13 5.34
C SER B 322 -28.94 7.69 4.19
N ILE B 323 -28.82 6.37 4.04
CA ILE B 323 -28.00 5.76 3.00
C ILE B 323 -28.72 4.51 2.51
N VAL B 324 -28.69 4.30 1.19
CA VAL B 324 -29.30 3.12 0.56
C VAL B 324 -28.20 2.15 0.17
N GLY B 325 -28.47 0.85 0.34
CA GLY B 325 -27.43 -0.13 0.15
C GLY B 325 -27.33 -1.04 1.36
N THR B 326 -27.84 -2.27 1.19
CA THR B 326 -28.02 -3.20 2.29
C THR B 326 -26.89 -3.15 3.31
N THR B 327 -25.66 -3.35 2.88
CA THR B 327 -24.52 -3.42 3.78
C THR B 327 -23.92 -2.07 4.08
N ALA B 328 -24.37 -1.01 3.41
CA ALA B 328 -23.79 0.32 3.59
C ALA B 328 -23.94 0.79 5.04
N SER B 329 -23.13 1.77 5.39
CA SER B 329 -23.16 2.45 6.68
C SER B 329 -22.91 3.94 6.44
N LEU B 330 -23.78 4.80 6.93
CA LEU B 330 -23.70 6.21 6.55
C LEU B 330 -22.44 6.87 7.09
N GLN B 331 -22.05 6.53 8.32
CA GLN B 331 -20.89 7.16 8.94
C GLN B 331 -19.62 6.78 8.21
N TYR B 332 -19.49 5.48 7.85
CA TYR B 332 -18.37 5.05 7.04
C TYR B 332 -18.26 5.87 5.75
N MET B 333 -19.39 6.04 5.04
CA MET B 333 -19.34 6.72 3.74
C MET B 333 -19.01 8.19 3.90
N LYS B 334 -19.58 8.85 4.92
CA LYS B 334 -19.22 10.25 5.17
C LYS B 334 -17.72 10.39 5.41
N ASN B 335 -17.15 9.48 6.19
CA ASN B 335 -15.72 9.57 6.47
C ASN B 335 -14.86 9.12 5.30
N VAL B 336 -15.37 8.27 4.41
CA VAL B 336 -14.67 7.97 3.17
C VAL B 336 -14.46 9.24 2.36
N PHE B 337 -15.49 10.07 2.26
CA PHE B 337 -15.40 11.25 1.42
C PHE B 337 -14.79 12.41 2.15
N LYS B 338 -14.90 12.45 3.49
CA LYS B 338 -14.05 13.35 4.26
C LYS B 338 -12.60 13.11 3.90
N GLU B 339 -12.20 11.84 3.91
CA GLU B 339 -10.83 11.50 3.56
C GLU B 339 -10.53 11.84 2.10
N LYS B 340 -11.40 11.43 1.17
CA LYS B 340 -11.11 11.67 -0.24
C LYS B 340 -10.81 13.15 -0.51
N TYR B 341 -11.70 14.03 -0.07
CA TYR B 341 -11.68 15.44 -0.40
C TYR B 341 -10.96 16.29 0.63
N LEU B 342 -10.34 15.65 1.62
CA LEU B 342 -9.58 16.32 2.67
C LEU B 342 -10.42 17.41 3.34
N LEU B 343 -11.64 17.07 3.69
CA LEU B 343 -12.54 18.04 4.30
C LEU B 343 -12.19 18.21 5.77
N SER B 344 -12.39 19.42 6.26
CA SER B 344 -12.28 19.73 7.67
C SER B 344 -13.61 19.41 8.33
N GLU B 345 -13.57 19.26 9.64
CA GLU B 345 -14.74 18.88 10.42
C GLU B 345 -14.66 19.64 11.72
N ASP B 346 -15.69 20.42 12.04
CA ASP B 346 -15.68 21.20 13.26
C ASP B 346 -16.22 20.36 14.43
N THR B 347 -16.45 21.04 15.56
CA THR B 347 -16.93 20.41 16.79
C THR B 347 -18.29 19.76 16.63
N SER B 348 -19.16 20.32 15.78
CA SER B 348 -20.49 19.76 15.59
C SER B 348 -20.51 18.60 14.62
N GLY B 349 -19.34 18.18 14.12
CA GLY B 349 -19.28 17.17 13.09
C GLY B 349 -19.58 17.69 11.70
N LYS B 350 -19.59 19.03 11.52
CA LYS B 350 -19.91 19.63 10.23
C LYS B 350 -18.67 19.71 9.35
N PHE B 351 -18.82 19.24 8.11
CA PHE B 351 -17.74 19.24 7.12
C PHE B 351 -17.68 20.56 6.35
N SER B 352 -16.47 20.98 6.01
CA SER B 352 -16.28 22.14 5.14
C SER B 352 -14.99 21.92 4.36
N VAL B 353 -14.80 22.72 3.32
CA VAL B 353 -13.56 22.68 2.54
C VAL B 353 -12.59 23.70 3.12
N ASP B 354 -11.37 23.27 3.38
CA ASP B 354 -10.31 24.17 3.83
C ASP B 354 -9.48 24.59 2.62
N LYS B 355 -9.36 25.90 2.41
CA LYS B 355 -8.72 26.40 1.19
C LYS B 355 -7.30 25.88 1.02
N LEU B 356 -6.55 25.75 2.14
CA LEU B 356 -5.19 25.22 2.05
C LEU B 356 -5.21 23.74 1.64
N LYS B 357 -6.12 22.95 2.20
CA LYS B 357 -6.17 21.55 1.82
C LYS B 357 -6.66 21.39 0.39
N PHE B 358 -7.56 22.27 -0.06
CA PHE B 358 -8.00 22.20 -1.44
C PHE B 358 -6.86 22.55 -2.39
N ASP B 359 -6.14 23.63 -2.11
CA ASP B 359 -5.01 23.99 -2.97
C ASP B 359 -4.00 22.86 -3.03
N LYS B 360 -3.74 22.23 -1.88
CA LYS B 360 -2.81 21.10 -1.85
C LYS B 360 -3.30 19.97 -2.75
N LEU B 361 -4.52 19.49 -2.53
CA LEU B 361 -5.03 18.38 -3.32
C LEU B 361 -5.09 18.75 -4.80
N TYR B 362 -5.65 19.91 -5.10
CA TYR B 362 -5.85 20.30 -6.50
C TYR B 362 -4.53 20.44 -7.25
N LYS B 363 -3.58 21.18 -6.67
CA LYS B 363 -2.27 21.36 -7.30
C LYS B 363 -1.54 20.02 -7.44
N MET B 364 -1.66 19.15 -6.45
CA MET B 364 -1.07 17.83 -6.56
C MET B 364 -1.62 17.13 -7.80
N LEU B 365 -2.93 17.11 -7.97
CA LEU B 365 -3.52 16.34 -9.04
C LEU B 365 -3.28 16.96 -10.41
N THR B 366 -3.16 18.29 -10.49
CA THR B 366 -3.12 18.96 -11.80
C THR B 366 -1.73 19.41 -12.21
N GLU B 367 -0.86 19.81 -11.25
CA GLU B 367 0.45 20.36 -11.55
C GLU B 367 1.62 19.46 -11.18
N ILE B 368 1.49 18.66 -10.14
CA ILE B 368 2.59 17.81 -9.69
C ILE B 368 2.61 16.49 -10.42
N TYR B 369 1.45 15.84 -10.53
CA TYR B 369 1.28 14.60 -11.27
C TYR B 369 1.19 14.96 -12.76
N THR B 370 2.34 14.98 -13.44
CA THR B 370 2.39 15.18 -14.88
C THR B 370 3.32 14.15 -15.51
N GLU B 371 3.12 13.89 -16.80
CA GLU B 371 4.03 13.02 -17.52
C GLU B 371 5.47 13.51 -17.39
N ASP B 372 5.68 14.81 -17.56
CA ASP B 372 7.03 15.38 -17.48
C ASP B 372 7.68 15.09 -16.14
N ASN B 373 6.92 15.25 -15.04
CA ASN B 373 7.51 14.96 -13.74
C ASN B 373 7.79 13.48 -13.56
N PHE B 374 6.98 12.59 -14.15
CA PHE B 374 7.32 11.18 -14.03
C PHE B 374 8.61 10.85 -14.78
N VAL B 375 8.87 11.52 -15.91
CA VAL B 375 10.13 11.34 -16.63
C VAL B 375 11.31 11.66 -15.73
N LYS B 376 11.23 12.76 -14.99
CA LYS B 376 12.29 13.13 -14.08
C LYS B 376 12.48 12.07 -13.00
N PHE B 377 11.39 11.52 -12.47
CA PHE B 377 11.54 10.55 -11.40
C PHE B 377 12.09 9.24 -11.93
N PHE B 378 11.68 8.82 -13.12
CA PHE B 378 12.20 7.60 -13.70
C PHE B 378 13.61 7.74 -14.24
N LYS B 379 14.04 8.97 -14.55
CA LYS B 379 15.34 9.25 -15.20
C LYS B 379 15.43 8.49 -16.52
N VAL B 380 14.42 8.69 -17.36
CA VAL B 380 14.37 8.12 -18.69
C VAL B 380 14.29 9.27 -19.66
N LEU B 381 14.51 8.95 -20.92
CA LEU B 381 14.33 9.92 -21.99
C LEU B 381 12.86 9.90 -22.38
N ASN B 382 12.35 11.05 -22.76
CA ASN B 382 10.96 11.15 -23.19
C ASN B 382 10.88 12.29 -24.18
N ARG B 383 9.84 12.27 -25.00
CA ARG B 383 9.62 13.41 -25.90
C ARG B 383 9.30 14.63 -25.05
N LYS B 384 9.67 15.79 -25.55
CA LYS B 384 9.62 17.03 -24.76
C LYS B 384 8.30 17.75 -24.84
N THR B 385 7.46 17.46 -25.83
CA THR B 385 6.13 18.05 -25.93
C THR B 385 5.13 16.99 -26.35
N TYR B 386 3.86 17.20 -25.98
CA TYR B 386 2.82 16.19 -26.18
C TYR B 386 2.78 15.69 -27.61
N LEU B 387 2.88 16.58 -28.59
CA LEU B 387 2.73 16.14 -29.98
C LEU B 387 3.99 15.54 -30.62
N ASN B 388 5.18 15.78 -30.07
CA ASN B 388 6.40 15.46 -30.82
C ASN B 388 6.84 14.00 -30.67
N PHE B 389 6.03 13.09 -31.22
CA PHE B 389 6.40 11.69 -31.32
C PHE B 389 6.42 11.24 -32.78
N ASP B 390 7.27 10.25 -33.08
CA ASP B 390 7.32 9.69 -34.41
C ASP B 390 6.01 8.98 -34.76
N LYS B 391 5.91 8.59 -36.02
CA LYS B 391 4.88 7.63 -36.41
C LYS B 391 5.33 6.19 -36.15
N ALA B 392 6.45 5.98 -35.46
CA ALA B 392 6.96 4.63 -35.29
C ALA B 392 6.25 3.94 -34.14
N VAL B 393 5.89 2.69 -34.37
CA VAL B 393 5.27 1.85 -33.36
C VAL B 393 6.09 0.58 -33.25
N PHE B 394 6.39 0.16 -32.01
CA PHE B 394 7.24 -1.00 -31.78
C PHE B 394 6.52 -2.04 -30.94
N LYS B 395 6.75 -3.30 -31.27
CA LYS B 395 6.41 -4.41 -30.40
C LYS B 395 7.54 -4.59 -29.40
N ILE B 396 7.19 -4.72 -28.12
CA ILE B 396 8.14 -4.89 -27.03
C ILE B 396 7.71 -6.06 -26.16
N ASN B 397 8.60 -6.47 -25.25
CA ASN B 397 8.17 -7.39 -24.21
C ASN B 397 8.93 -7.08 -22.93
N ILE B 398 8.23 -6.51 -21.95
CA ILE B 398 8.91 -6.03 -20.75
C ILE B 398 8.87 -7.04 -19.62
N VAL B 399 8.23 -8.19 -19.82
CA VAL B 399 8.06 -9.10 -18.70
C VAL B 399 9.39 -9.73 -18.34
N PRO B 400 10.25 -10.15 -19.29
CA PRO B 400 11.54 -10.73 -18.89
C PRO B 400 12.43 -9.69 -18.24
N LYS B 401 13.03 -10.04 -17.11
CA LYS B 401 13.88 -9.06 -16.44
C LYS B 401 15.14 -8.77 -17.24
N VAL B 402 15.56 -9.66 -18.14
CA VAL B 402 16.73 -9.32 -18.95
C VAL B 402 16.40 -8.28 -20.02
N ASN B 403 15.11 -7.92 -20.19
CA ASN B 403 14.63 -6.94 -21.15
C ASN B 403 14.31 -5.61 -20.51
N TYR B 404 13.76 -5.63 -19.31
CA TYR B 404 13.18 -4.46 -18.66
C TYR B 404 13.01 -4.76 -17.19
N THR B 405 13.34 -3.77 -16.35
CA THR B 405 13.22 -3.98 -14.92
C THR B 405 12.38 -2.89 -14.26
N ILE B 406 11.91 -3.20 -13.07
CA ILE B 406 11.12 -2.25 -12.29
C ILE B 406 11.92 -0.99 -12.00
N TYR B 407 13.21 -1.14 -11.67
CA TYR B 407 13.98 0.02 -11.25
C TYR B 407 14.56 0.81 -12.43
N ASP B 408 14.95 0.14 -13.55
CA ASP B 408 15.68 0.82 -14.62
C ASP B 408 14.93 0.88 -15.96
N GLY B 409 13.72 0.34 -16.06
CA GLY B 409 13.09 0.25 -17.38
C GLY B 409 14.00 -0.52 -18.32
N PHE B 410 14.16 0.00 -19.54
CA PHE B 410 15.05 -0.65 -20.51
C PHE B 410 16.53 -0.39 -20.26
N ASN B 411 16.88 0.59 -19.42
CA ASN B 411 18.26 1.08 -19.32
C ASN B 411 18.97 0.33 -18.18
N LEU B 412 19.21 -0.95 -18.43
CA LEU B 412 19.61 -1.89 -17.39
C LEU B 412 20.96 -1.54 -16.79
N ARG B 413 20.99 -1.35 -15.49
CA ARG B 413 22.26 -1.08 -14.82
C ARG B 413 23.23 -2.25 -15.00
N ASN B 414 24.50 -1.91 -14.97
CA ASN B 414 25.56 -2.89 -15.20
C ASN B 414 25.33 -3.70 -16.48
N THR B 415 24.87 -3.01 -17.52
CA THR B 415 24.98 -3.49 -18.89
C THR B 415 25.41 -2.29 -19.72
N ASN B 416 25.73 -2.53 -20.99
CA ASN B 416 25.99 -1.42 -21.90
C ASN B 416 24.71 -0.64 -22.25
N LEU B 417 23.56 -0.97 -21.67
CA LEU B 417 22.36 -0.19 -21.88
C LEU B 417 22.16 0.85 -20.78
N ALA B 418 23.04 0.85 -19.77
CA ALA B 418 22.81 1.65 -18.58
C ALA B 418 23.00 3.13 -18.85
N ALA B 419 23.87 3.47 -19.79
CA ALA B 419 24.29 4.84 -20.03
C ALA B 419 23.64 5.40 -21.28
N ASN B 420 23.53 6.72 -21.30
CA ASN B 420 23.08 7.48 -22.45
C ASN B 420 21.75 6.96 -22.98
N PHE B 421 20.92 6.44 -22.06
CA PHE B 421 19.59 5.92 -22.41
C PHE B 421 19.68 4.92 -23.57
N ASN B 422 20.79 4.18 -23.61
CA ASN B 422 20.98 3.22 -24.68
C ASN B 422 19.89 2.16 -24.71
N GLY B 423 19.32 1.83 -23.54
CA GLY B 423 18.23 0.86 -23.53
C GLY B 423 16.99 1.34 -24.25
N GLN B 424 16.80 2.66 -24.34
CA GLN B 424 15.67 3.21 -25.09
C GLN B 424 15.99 3.50 -26.53
N ASN B 425 17.25 3.36 -26.93
CA ASN B 425 17.68 3.62 -28.31
C ASN B 425 17.23 2.43 -29.14
N THR B 426 16.31 2.66 -30.08
CA THR B 426 15.76 1.56 -30.85
C THR B 426 16.73 1.00 -31.87
N GLU B 427 17.84 1.67 -32.14
CA GLU B 427 18.87 1.09 -32.97
C GLU B 427 19.85 0.26 -32.12
N ILE B 428 20.34 0.85 -31.02
CA ILE B 428 21.31 0.17 -30.17
C ILE B 428 20.69 -1.04 -29.51
N ASN B 429 19.51 -0.85 -28.90
CA ASN B 429 18.77 -1.96 -28.27
C ASN B 429 17.73 -2.55 -29.22
N ASN B 430 18.08 -2.79 -30.48
CA ASN B 430 17.04 -3.19 -31.43
C ASN B 430 16.45 -4.55 -31.07
N MET B 431 17.13 -5.35 -30.26
CA MET B 431 16.53 -6.64 -29.91
C MET B 431 15.29 -6.48 -29.04
N ASN B 432 15.06 -5.32 -28.44
CA ASN B 432 13.86 -5.13 -27.63
C ASN B 432 12.76 -4.34 -28.31
N PHE B 433 12.95 -3.95 -29.58
CA PHE B 433 12.00 -3.11 -30.29
C PHE B 433 11.84 -3.65 -31.72
N THR B 434 10.71 -4.25 -32.01
CA THR B 434 10.39 -4.69 -33.36
C THR B 434 9.52 -3.64 -34.03
N LYS B 435 10.04 -3.03 -35.08
CA LYS B 435 9.32 -1.93 -35.70
C LYS B 435 8.14 -2.51 -36.46
N LEU B 436 6.96 -1.92 -36.28
CA LEU B 436 5.78 -2.41 -36.98
C LEU B 436 5.33 -1.47 -38.08
N LYS B 437 5.45 -0.17 -37.86
CA LYS B 437 4.79 0.85 -38.70
C LYS B 437 5.28 2.19 -38.12
ZN ZN C . 13.35 -6.92 21.06
ZN ZN D . -3.73 11.87 -22.57
C1 C7I E . -0.24 8.79 -26.83
C2 C7I E . -0.57 7.50 -27.18
C3 C7I E . 0.11 6.85 -28.44
C4 C7I E . 0.99 7.54 -29.16
C5 C7I E . 1.37 9.00 -28.77
C6 C7I E . 0.79 9.59 -27.67
C7 C7I E . -0.96 9.48 -25.64
C7A C7I E . -0.22 9.15 -24.31
C7B C7I E . 1.30 9.47 -24.42
C8 C7I E . -2.45 9.01 -25.64
C9 C7I E . -3.39 10.00 -24.95
N1 C7I E . -4.36 9.48 -24.02
O1 C7I E . -4.74 10.34 -22.95
O2 C7I E . -3.06 11.13 -24.75
O7 C7I E . 1.59 10.74 -23.83
CL4 C7I E . 1.70 6.80 -30.62
C1 C8I F . -0.23 8.28 -27.15
C2 C8I F . -0.51 7.02 -27.63
C3 C8I F . 0.22 6.52 -28.95
C4 C8I F . 1.08 7.31 -29.58
C5 C8I F . 1.39 8.74 -29.05
C6 C8I F . 0.76 9.19 -27.90
C7 C8I F . -0.97 8.81 -25.89
C7A C8I F . -0.09 9.88 -25.21
C7B C8I F . 0.64 9.30 -23.97
C8 C8I F . -2.27 9.48 -26.39
C9 C8I F . -3.05 10.08 -25.20
N1 C8I F . -4.35 9.54 -24.81
O1 C8I F . -4.96 10.04 -23.64
O2 C8I F . -2.64 11.05 -24.63
O7 C8I F . 1.56 10.24 -23.49
CL4 C8I F . 1.88 6.75 -31.07
#